data_8EGZ
#
_entry.id   8EGZ
#
_cell.length_a   164.566
_cell.length_b   164.566
_cell.length_c   84.254
_cell.angle_alpha   90.000
_cell.angle_beta   90.000
_cell.angle_gamma   90.000
#
_symmetry.space_group_name_H-M   'I 4'
#
loop_
_entity.id
_entity.type
_entity.pdbx_description
1 polymer 'Engineered tyrosine synthase (TmTyrS1)'
2 non-polymer '2-{[(E)-{3-hydroxy-2-methyl-5-[(phosphonooxy)methyl]pyridin-4-yl}methylidene]amino}prop-2-enoic acid'
3 non-polymer 1,2-ETHANEDIOL
4 non-polymer 'POTASSIUM ION'
5 water water
#
_entity_poly.entity_id   1
_entity_poly.type   'polypeptide(L)'
_entity_poly.pdbx_seq_one_letter_code
;MKGNFGPYGGQNVPEILMGALEELEAAYEGIMKDESFWKEYNDLLRDYAGRPTPLYFARRLSEKYGARVYLKREDLLHTG
AHKINNAIGQVLLAKLMGKTRITAGTGAGQHGVATATAAALFGMECVIYMGEEDTIRQKLNVERMKLLGAKVVPVKSGSR
TLKDAIDEALRDWITNLQTTYYVPGSVVGPHPYPIIVRNFQKVIGEETKKQIPEKEGRLPDYIVACVSGGSNAAGIFYPF
IDSGVKLIGVEAGGEGLETGKHAASLLKGKIGYLHGSKTFVLQDDWGQVQASHSVSAGLDYPGVGPEHAYWRETGKVLYD
AVTDEEALDAFIELSRLEGIIPALESSHALAYLKKINIKGKVVVVNLSGRGDKDLESVLNHPYVRERIHLEHHHHHH
;
_entity_poly.pdbx_strand_id   A,B
#
loop_
_chem_comp.id
_chem_comp.type
_chem_comp.name
_chem_comp.formula
0JO non-polymer '2-{[(E)-{3-hydroxy-2-methyl-5-[(phosphonooxy)methyl]pyridin-4-yl}methylidene]amino}prop-2-enoic acid' 'C11 H13 N2 O7 P'
EDO non-polymer 1,2-ETHANEDIOL 'C2 H6 O2'
K non-polymer 'POTASSIUM ION' 'K 1'
#
# COMPACT_ATOMS: atom_id res chain seq x y z
N GLY A 3 -4.11 27.82 22.58
CA GLY A 3 -3.97 27.45 21.15
C GLY A 3 -3.29 28.47 20.19
N ASN A 4 -2.38 29.29 20.71
CA ASN A 4 -1.70 30.30 19.92
C ASN A 4 -0.28 29.83 19.71
N PHE A 5 0.24 30.02 18.51
CA PHE A 5 1.65 29.81 18.15
C PHE A 5 2.18 31.21 17.83
N GLY A 6 2.79 31.90 18.80
CA GLY A 6 3.08 33.30 18.57
C GLY A 6 1.77 34.01 18.34
N PRO A 7 1.68 34.86 17.32
CA PRO A 7 0.43 35.55 17.03
C PRO A 7 -0.62 34.71 16.28
N TYR A 8 -0.33 33.46 15.92
CA TYR A 8 -1.12 32.68 14.96
C TYR A 8 -1.95 31.66 15.72
N GLY A 9 -2.98 31.14 15.03
CA GLY A 9 -3.77 30.06 15.64
C GLY A 9 -5.10 30.56 16.15
N GLY A 10 -5.41 30.30 17.42
CA GLY A 10 -6.67 30.74 18.04
C GLY A 10 -7.90 29.95 17.61
N GLN A 11 -9.09 30.49 17.92
CA GLN A 11 -10.34 29.83 17.60
C GLN A 11 -11.23 30.89 16.93
N ASN A 12 -11.20 30.97 15.62
CA ASN A 12 -11.84 32.06 14.88
C ASN A 12 -13.04 31.49 14.17
N VAL A 13 -14.14 31.36 14.91
CA VAL A 13 -15.23 30.48 14.47
C VAL A 13 -16.55 31.16 14.77
N PRO A 14 -17.64 30.76 14.09
CA PRO A 14 -18.98 31.16 14.55
C PRO A 14 -19.21 30.73 15.97
N GLU A 15 -19.96 31.54 16.73
CA GLU A 15 -20.13 31.28 18.17
C GLU A 15 -20.77 29.92 18.49
N ILE A 16 -21.61 29.41 17.59
CA ILE A 16 -22.31 28.13 17.83
C ILE A 16 -21.31 26.99 18.00
N LEU A 17 -20.10 27.11 17.41
CA LEU A 17 -19.10 26.06 17.54
C LEU A 17 -18.35 26.11 18.86
N MET A 18 -18.46 27.20 19.64
CA MET A 18 -17.63 27.30 20.86
C MET A 18 -17.90 26.15 21.85
N GLY A 19 -19.17 25.79 22.04
CA GLY A 19 -19.49 24.65 22.90
C GLY A 19 -18.82 23.36 22.44
N ALA A 20 -18.90 23.09 21.13
CA ALA A 20 -18.27 21.88 20.59
C ALA A 20 -16.77 21.90 20.81
N LEU A 21 -16.14 23.05 20.60
CA LEU A 21 -14.69 23.09 20.77
C LEU A 21 -14.29 22.94 22.24
N GLU A 22 -15.06 23.52 23.17
CA GLU A 22 -14.75 23.33 24.59
C GLU A 22 -14.90 21.88 24.99
N GLU A 23 -15.95 21.24 24.49
CA GLU A 23 -16.14 19.82 24.79
C GLU A 23 -14.99 18.98 24.22
N LEU A 24 -14.58 19.26 22.99
CA LEU A 24 -13.43 18.54 22.39
C LEU A 24 -12.16 18.77 23.20
N GLU A 25 -11.91 20.02 23.62
CA GLU A 25 -10.71 20.29 24.39
C GLU A 25 -10.70 19.53 25.72
N ALA A 26 -11.83 19.50 26.39
CA ALA A 26 -11.92 18.70 27.63
C ALA A 26 -11.73 17.21 27.38
N ALA A 27 -12.39 16.64 26.36
CA ALA A 27 -12.25 15.22 26.07
C ALA A 27 -10.82 14.88 25.70
N TYR A 28 -10.14 15.78 24.99
CA TYR A 28 -8.76 15.53 24.59
C TYR A 28 -7.81 15.58 25.77
N GLU A 29 -7.93 16.61 26.63
CA GLU A 29 -7.17 16.61 27.88
C GLU A 29 -7.41 15.34 28.69
N GLY A 30 -8.66 14.84 28.74
CA GLY A 30 -8.93 13.55 29.37
C GLY A 30 -8.11 12.39 28.80
N ILE A 31 -8.14 12.19 27.48
CA ILE A 31 -7.42 11.03 26.97
C ILE A 31 -5.90 11.20 27.03
N MET A 32 -5.42 12.41 27.32
CA MET A 32 -3.99 12.68 27.41
C MET A 32 -3.36 11.91 28.55
N LYS A 33 -4.13 11.59 29.57
CA LYS A 33 -3.64 10.81 30.70
C LYS A 33 -4.25 9.40 30.73
N ASP A 34 -5.00 9.02 29.70
CA ASP A 34 -5.79 7.79 29.72
C ASP A 34 -4.95 6.64 29.15
N GLU A 35 -4.45 5.76 30.04
CA GLU A 35 -3.60 4.65 29.59
C GLU A 35 -4.36 3.70 28.67
N SER A 36 -5.67 3.56 28.83
CA SER A 36 -6.38 2.64 27.95
C SER A 36 -6.66 3.23 26.55
N PHE A 37 -6.87 4.54 26.42
CA PHE A 37 -6.87 5.16 25.10
C PHE A 37 -5.58 4.83 24.35
N TRP A 38 -4.44 5.11 24.99
CA TRP A 38 -3.14 4.96 24.32
C TRP A 38 -2.82 3.50 24.05
N LYS A 39 -3.23 2.59 24.94
CA LYS A 39 -3.03 1.18 24.68
C LYS A 39 -3.75 0.79 23.40
N GLU A 40 -5.05 1.10 23.31
CA GLU A 40 -5.84 0.70 22.16
C GLU A 40 -5.34 1.38 20.88
N TYR A 41 -5.04 2.67 20.98
CA TYR A 41 -4.54 3.43 19.83
C TYR A 41 -3.20 2.88 19.35
N ASN A 42 -2.23 2.68 20.28
CA ASN A 42 -0.91 2.19 19.90
C ASN A 42 -0.94 0.78 19.35
N ASP A 43 -1.82 -0.08 19.87
CA ASP A 43 -2.01 -1.42 19.26
C ASP A 43 -2.50 -1.36 17.83
N LEU A 44 -3.50 -0.49 17.55
CA LEU A 44 -3.96 -0.30 16.17
C LEU A 44 -2.87 0.31 15.29
N LEU A 45 -2.12 1.28 15.80
CA LEU A 45 -1.00 1.80 14.98
C LEU A 45 -0.05 0.66 14.58
N ARG A 46 0.26 -0.24 15.52
CA ARG A 46 1.18 -1.35 15.22
C ARG A 46 0.55 -2.37 14.27
N ASP A 47 -0.59 -2.97 14.65
CA ASP A 47 -1.07 -4.11 13.84
C ASP A 47 -2.05 -3.76 12.77
N TYR A 48 -2.74 -2.64 12.89
CA TYR A 48 -3.70 -2.26 11.88
C TYR A 48 -3.04 -1.35 10.86
N ALA A 49 -2.30 -0.33 11.33
CA ALA A 49 -1.70 0.61 10.38
C ALA A 49 -0.34 0.15 9.89
N GLY A 50 0.39 -0.58 10.73
CA GLY A 50 1.69 -1.10 10.37
C GLY A 50 2.86 -0.25 10.82
N ARG A 51 2.73 0.56 11.97
CA ARG A 51 3.89 1.25 12.53
C ARG A 51 4.78 0.29 13.36
N PRO A 52 6.09 0.56 13.51
CA PRO A 52 6.88 1.72 13.02
C PRO A 52 7.11 1.53 11.53
N THR A 53 7.19 2.60 10.77
CA THR A 53 7.57 2.49 9.37
C THR A 53 9.10 2.55 9.25
N PRO A 54 9.65 1.89 8.24
CA PRO A 54 11.10 1.89 8.08
C PRO A 54 11.65 3.24 7.67
N LEU A 55 12.92 3.37 7.89
CA LEU A 55 13.73 4.47 7.38
C LEU A 55 14.65 3.84 6.33
N TYR A 56 14.37 4.07 5.07
CA TYR A 56 14.97 3.29 4.00
C TYR A 56 16.14 4.04 3.39
N PHE A 57 17.31 3.41 3.35
CA PHE A 57 18.41 4.01 2.63
C PHE A 57 18.21 3.84 1.13
N ALA A 58 18.05 4.94 0.41
CA ALA A 58 17.73 4.91 -1.02
C ALA A 58 19.09 4.95 -1.74
N ARG A 59 19.63 3.76 -2.03
CA ARG A 59 21.00 3.68 -2.53
C ARG A 59 21.15 4.34 -3.89
N ARG A 60 20.17 4.17 -4.80
CA ARG A 60 20.32 4.75 -6.14
C ARG A 60 20.10 6.27 -6.14
N LEU A 61 19.10 6.76 -5.43
CA LEU A 61 19.00 8.20 -5.22
C LEU A 61 20.30 8.75 -4.60
N SER A 62 20.84 8.02 -3.62
CA SER A 62 22.03 8.52 -2.92
C SER A 62 23.19 8.59 -3.88
N GLU A 63 23.37 7.54 -4.70
CA GLU A 63 24.39 7.56 -5.76
C GLU A 63 24.20 8.74 -6.68
N LYS A 64 22.95 9.04 -7.10
CA LYS A 64 22.77 10.12 -8.07
C LYS A 64 23.13 11.49 -7.51
N TYR A 65 22.86 11.75 -6.24
CA TYR A 65 23.14 13.07 -5.67
C TYR A 65 24.46 13.13 -4.89
N GLY A 66 25.15 12.00 -4.69
CA GLY A 66 26.37 12.07 -3.87
C GLY A 66 26.10 12.29 -2.40
N ALA A 67 24.97 11.80 -1.91
CA ALA A 67 24.51 12.16 -0.59
C ALA A 67 24.13 10.86 0.12
N ARG A 68 23.71 10.93 1.35
CA ARG A 68 23.15 9.77 2.04
C ARG A 68 21.66 10.05 2.25
N VAL A 69 20.81 9.53 1.36
CA VAL A 69 19.40 9.91 1.36
C VAL A 69 18.58 8.76 1.96
N TYR A 70 17.81 9.08 2.98
CA TYR A 70 16.92 8.15 3.61
C TYR A 70 15.49 8.61 3.38
N LEU A 71 14.59 7.66 3.19
CA LEU A 71 13.16 7.94 2.98
C LEU A 71 12.39 7.37 4.17
N LYS A 72 11.67 8.23 4.89
CA LYS A 72 10.82 7.77 5.98
C LYS A 72 9.55 7.25 5.34
N ARG A 73 9.29 5.96 5.46
CA ARG A 73 8.35 5.29 4.54
C ARG A 73 6.90 5.31 5.05
N GLU A 74 6.30 6.51 5.11
CA GLU A 74 4.88 6.55 5.48
C GLU A 74 3.99 6.00 4.35
N ASP A 75 4.50 5.87 3.13
CA ASP A 75 3.71 5.19 2.08
C ASP A 75 3.43 3.73 2.42
N LEU A 76 4.17 3.13 3.36
CA LEU A 76 3.89 1.72 3.70
C LEU A 76 2.76 1.58 4.74
N LEU A 77 2.18 2.67 5.23
CA LEU A 77 1.06 2.45 6.16
C LEU A 77 -0.18 1.91 5.43
N HIS A 78 -1.06 1.30 6.22
CA HIS A 78 -2.42 1.04 5.74
C HIS A 78 -3.06 2.31 5.17
N THR A 79 -3.64 2.19 4.00
CA THR A 79 -4.28 3.18 3.12
C THR A 79 -3.25 3.99 2.31
N GLY A 80 -1.96 3.91 2.62
CA GLY A 80 -0.99 4.48 1.71
C GLY A 80 -0.56 5.90 2.04
N ALA A 81 -0.88 6.42 3.25
CA ALA A 81 -0.39 7.77 3.61
C ALA A 81 -0.43 7.98 5.12
N HIS A 82 0.36 8.95 5.57
CA HIS A 82 0.43 9.33 6.99
C HIS A 82 -0.93 9.74 7.52
N LYS A 83 -1.90 9.99 6.67
CA LYS A 83 -3.20 10.45 7.17
C LYS A 83 -3.81 9.47 8.17
N ILE A 84 -3.49 8.19 8.06
CA ILE A 84 -4.17 7.21 8.91
C ILE A 84 -3.78 7.41 10.38
N ASN A 85 -2.56 7.94 10.68
CA ASN A 85 -2.16 8.16 12.07
C ASN A 85 -3.19 9.02 12.79
N ASN A 86 -3.57 10.09 12.14
CA ASN A 86 -4.48 11.09 12.68
C ASN A 86 -5.91 10.59 12.62
N ALA A 87 -6.30 9.94 11.51
CA ALA A 87 -7.70 9.53 11.39
C ALA A 87 -8.06 8.46 12.43
N ILE A 88 -7.17 7.50 12.70
CA ILE A 88 -7.53 6.50 13.69
C ILE A 88 -7.69 7.18 15.04
N GLY A 89 -6.74 8.06 15.38
CA GLY A 89 -6.77 8.69 16.69
C GLY A 89 -8.02 9.52 16.90
N GLN A 90 -8.42 10.29 15.90
CA GLN A 90 -9.57 11.19 16.08
C GLN A 90 -10.87 10.41 16.01
N VAL A 91 -10.96 9.38 15.18
CA VAL A 91 -12.25 8.69 15.15
C VAL A 91 -12.41 7.86 16.43
N LEU A 92 -11.30 7.35 16.97
CA LEU A 92 -11.34 6.72 18.28
C LEU A 92 -11.83 7.70 19.34
N LEU A 93 -11.32 8.93 19.31
CA LEU A 93 -11.77 9.95 20.27
C LEU A 93 -13.26 10.24 20.09
N ALA A 94 -13.69 10.43 18.85
CA ALA A 94 -15.10 10.64 18.53
C ALA A 94 -15.96 9.49 19.08
N LYS A 95 -15.53 8.25 18.88
CA LYS A 95 -16.28 7.11 19.41
C LYS A 95 -16.40 7.18 20.93
N LEU A 96 -15.29 7.49 21.61
CA LEU A 96 -15.28 7.59 23.08
C LEU A 96 -16.09 8.77 23.61
N MET A 97 -16.27 9.81 22.80
CA MET A 97 -17.09 10.95 23.18
C MET A 97 -18.58 10.67 22.94
N GLY A 98 -18.93 9.49 22.43
CA GLY A 98 -20.32 9.18 22.13
C GLY A 98 -20.86 9.75 20.83
N LYS A 99 -20.01 10.30 19.97
CA LYS A 99 -20.52 10.69 18.66
C LYS A 99 -20.88 9.45 17.86
N THR A 100 -21.78 9.61 16.89
CA THR A 100 -22.18 8.46 16.08
C THR A 100 -21.90 8.64 14.58
N ARG A 101 -21.37 9.79 14.17
CA ARG A 101 -21.23 10.15 12.76
C ARG A 101 -19.96 11.00 12.59
N ILE A 102 -19.30 10.89 11.44
CA ILE A 102 -18.01 11.54 11.21
C ILE A 102 -18.17 12.32 9.93
N THR A 103 -17.53 13.49 9.82
CA THR A 103 -17.54 14.20 8.54
C THR A 103 -16.17 14.85 8.37
N ALA A 104 -15.78 15.03 7.10
CA ALA A 104 -14.45 15.54 6.79
C ALA A 104 -14.48 16.03 5.36
N GLY A 105 -13.49 16.83 4.99
CA GLY A 105 -13.38 17.16 3.58
C GLY A 105 -12.03 16.60 3.14
N THR A 106 -11.84 16.32 1.85
CA THR A 106 -10.59 15.66 1.45
C THR A 106 -10.26 16.15 0.05
N GLY A 107 -8.95 16.15 -0.27
CA GLY A 107 -8.48 16.72 -1.51
C GLY A 107 -7.82 15.60 -2.31
N ALA A 108 -6.72 15.07 -1.82
CA ALA A 108 -6.15 13.92 -2.52
C ALA A 108 -6.99 12.67 -2.33
N GLY A 109 -7.97 12.71 -1.41
CA GLY A 109 -8.73 11.53 -1.08
C GLY A 109 -8.07 10.64 -0.08
N GLN A 110 -6.84 10.94 0.36
CA GLN A 110 -6.16 10.07 1.32
C GLN A 110 -6.74 10.30 2.71
N HIS A 111 -7.01 11.57 3.06
CA HIS A 111 -7.69 11.78 4.35
C HIS A 111 -9.07 11.15 4.35
N GLY A 112 -9.83 11.33 3.25
CA GLY A 112 -11.15 10.75 3.16
C GLY A 112 -11.10 9.24 3.28
N VAL A 113 -10.13 8.61 2.59
CA VAL A 113 -10.01 7.15 2.71
C VAL A 113 -9.60 6.75 4.11
N ALA A 114 -8.66 7.50 4.72
CA ALA A 114 -8.23 7.16 6.06
C ALA A 114 -9.38 7.29 7.05
N THR A 115 -10.14 8.34 6.91
CA THR A 115 -11.29 8.59 7.79
C THR A 115 -12.37 7.52 7.59
N ALA A 116 -12.71 7.23 6.34
CA ALA A 116 -13.67 6.16 6.01
C ALA A 116 -13.23 4.79 6.54
N THR A 117 -11.92 4.50 6.52
CA THR A 117 -11.36 3.28 7.08
C THR A 117 -11.55 3.21 8.59
N ALA A 118 -11.20 4.32 9.30
CA ALA A 118 -11.37 4.30 10.73
C ALA A 118 -12.83 4.27 11.07
N ALA A 119 -13.64 4.96 10.28
CA ALA A 119 -15.07 4.94 10.60
C ALA A 119 -15.63 3.54 10.43
N ALA A 120 -15.20 2.82 9.38
CA ALA A 120 -15.61 1.42 9.20
C ALA A 120 -15.15 0.56 10.39
N LEU A 121 -13.89 0.71 10.79
CA LEU A 121 -13.34 -0.08 11.89
C LEU A 121 -14.13 0.15 13.19
N PHE A 122 -14.48 1.40 13.46
CA PHE A 122 -15.15 1.74 14.69
C PHE A 122 -16.67 1.78 14.54
N GLY A 123 -17.19 1.43 13.36
CA GLY A 123 -18.62 1.30 13.19
C GLY A 123 -19.41 2.61 13.17
N MET A 124 -18.86 3.67 12.62
CA MET A 124 -19.50 4.99 12.58
C MET A 124 -19.98 5.41 11.20
N GLU A 125 -21.09 6.12 11.14
CA GLU A 125 -21.52 6.70 9.88
C GLU A 125 -20.48 7.73 9.41
N CYS A 126 -20.30 7.84 8.08
CA CYS A 126 -19.16 8.64 7.59
C CYS A 126 -19.57 9.32 6.27
N VAL A 127 -19.50 10.66 6.24
CA VAL A 127 -19.84 11.45 5.07
C VAL A 127 -18.65 12.34 4.72
N ILE A 128 -18.09 12.13 3.53
CA ILE A 128 -16.85 12.77 3.10
C ILE A 128 -17.20 13.75 1.98
N TYR A 129 -16.76 14.99 2.13
CA TYR A 129 -16.94 16.00 1.10
C TYR A 129 -15.66 16.07 0.27
N MET A 130 -15.83 16.16 -1.04
CA MET A 130 -14.65 16.20 -1.91
C MET A 130 -14.96 17.06 -3.14
N GLY A 131 -14.08 18.02 -3.43
CA GLY A 131 -14.31 18.88 -4.57
C GLY A 131 -14.46 18.07 -5.84
N GLU A 132 -15.35 18.55 -6.72
CA GLU A 132 -15.66 17.75 -7.91
C GLU A 132 -14.43 17.54 -8.79
N GLU A 133 -13.58 18.53 -8.91
CA GLU A 133 -12.38 18.31 -9.73
C GLU A 133 -11.47 17.22 -9.13
N ASP A 134 -11.48 17.10 -7.82
CA ASP A 134 -10.67 16.11 -7.11
C ASP A 134 -11.29 14.72 -7.24
N THR A 135 -12.64 14.64 -7.31
CA THR A 135 -13.22 13.32 -7.52
C THR A 135 -12.84 12.77 -8.89
N ILE A 136 -12.43 13.63 -9.81
CA ILE A 136 -11.96 13.16 -11.14
C ILE A 136 -10.46 12.83 -11.13
N ARG A 137 -9.58 13.71 -10.66
CA ARG A 137 -8.15 13.36 -10.76
C ARG A 137 -7.69 12.42 -9.64
N GLN A 138 -8.57 12.08 -8.70
CA GLN A 138 -8.21 11.18 -7.61
C GLN A 138 -9.27 10.09 -7.47
N LYS A 139 -9.83 9.66 -8.61
CA LYS A 139 -10.93 8.69 -8.64
C LYS A 139 -10.65 7.40 -7.86
N LEU A 140 -9.40 6.93 -7.80
CA LEU A 140 -9.17 5.65 -7.10
C LEU A 140 -9.62 5.78 -5.64
N ASN A 141 -9.42 6.95 -5.04
CA ASN A 141 -9.81 7.11 -3.65
C ASN A 141 -11.34 7.26 -3.51
N VAL A 142 -12.04 7.77 -4.50
CA VAL A 142 -13.51 7.73 -4.44
C VAL A 142 -13.96 6.29 -4.38
N GLU A 143 -13.37 5.43 -5.22
CA GLU A 143 -13.75 4.01 -5.23
C GLU A 143 -13.47 3.37 -3.88
N ARG A 144 -12.30 3.63 -3.28
CA ARG A 144 -11.99 3.02 -1.97
C ARG A 144 -12.99 3.47 -0.92
N MET A 145 -13.28 4.78 -0.86
CA MET A 145 -14.27 5.29 0.11
C MET A 145 -15.64 4.65 -0.08
N LYS A 146 -16.07 4.47 -1.32
CA LYS A 146 -17.34 3.76 -1.55
C LYS A 146 -17.32 2.32 -1.00
N LEU A 147 -16.23 1.57 -1.24
CA LEU A 147 -16.16 0.21 -0.70
C LEU A 147 -16.13 0.21 0.83
N LEU A 148 -15.50 1.22 1.42
CA LEU A 148 -15.43 1.29 2.88
C LEU A 148 -16.77 1.69 3.53
N GLY A 149 -17.79 2.01 2.74
CA GLY A 149 -19.11 2.35 3.26
C GLY A 149 -19.36 3.82 3.53
N ALA A 150 -18.44 4.70 3.16
CA ALA A 150 -18.64 6.13 3.35
C ALA A 150 -19.45 6.69 2.20
N LYS A 151 -20.27 7.69 2.50
CA LYS A 151 -20.91 8.52 1.48
C LYS A 151 -19.92 9.58 0.99
N VAL A 152 -19.72 9.71 -0.32
CA VAL A 152 -18.84 10.77 -0.85
C VAL A 152 -19.69 11.82 -1.55
N VAL A 153 -19.64 13.08 -1.11
CA VAL A 153 -20.46 14.15 -1.66
C VAL A 153 -19.57 15.07 -2.50
N PRO A 154 -19.76 15.14 -3.83
CA PRO A 154 -18.93 16.03 -4.67
C PRO A 154 -19.39 17.45 -4.49
N VAL A 155 -18.42 18.35 -4.37
CA VAL A 155 -18.72 19.74 -4.04
C VAL A 155 -18.48 20.52 -5.31
N LYS A 156 -19.52 21.14 -5.86
CA LYS A 156 -19.40 21.81 -7.16
C LYS A 156 -19.21 23.33 -7.10
N SER A 157 -19.07 23.92 -5.91
CA SER A 157 -18.90 25.36 -5.74
C SER A 157 -17.43 25.79 -5.75
N GLY A 158 -17.22 27.10 -5.97
CA GLY A 158 -15.88 27.65 -5.87
C GLY A 158 -14.96 26.98 -6.87
N SER A 159 -13.72 26.72 -6.45
CA SER A 159 -12.76 26.11 -7.33
C SER A 159 -12.89 24.58 -7.35
N ARG A 160 -13.84 24.03 -6.60
CA ARG A 160 -14.18 22.60 -6.62
C ARG A 160 -13.00 21.73 -6.22
N THR A 161 -12.26 22.21 -5.22
CA THR A 161 -11.08 21.50 -4.70
C THR A 161 -11.17 21.57 -3.18
N LEU A 162 -10.03 21.36 -2.50
CA LEU A 162 -10.09 21.04 -1.09
C LEU A 162 -10.72 22.17 -0.27
N LYS A 163 -10.39 23.42 -0.59
CA LYS A 163 -10.93 24.52 0.22
C LYS A 163 -12.45 24.44 0.28
N ASP A 164 -13.06 24.16 -0.88
CA ASP A 164 -14.50 24.16 -0.99
C ASP A 164 -15.08 22.91 -0.33
N ALA A 165 -14.34 21.80 -0.37
CA ALA A 165 -14.77 20.58 0.33
C ALA A 165 -14.81 20.82 1.84
N ILE A 166 -13.77 21.45 2.38
CA ILE A 166 -13.73 21.77 3.81
C ILE A 166 -14.87 22.74 4.17
N ASP A 167 -15.15 23.73 3.30
CA ASP A 167 -16.27 24.65 3.55
C ASP A 167 -17.56 23.88 3.76
N GLU A 168 -17.79 22.91 2.90
CA GLU A 168 -19.04 22.15 2.99
C GLU A 168 -19.04 21.16 4.16
N ALA A 169 -17.88 20.57 4.48
CA ALA A 169 -17.83 19.68 5.66
C ALA A 169 -18.07 20.46 6.95
N LEU A 170 -17.55 21.68 7.03
CA LEU A 170 -17.80 22.51 8.21
C LEU A 170 -19.27 22.91 8.31
N ARG A 171 -19.94 23.19 7.17
CA ARG A 171 -21.38 23.45 7.22
C ARG A 171 -22.13 22.22 7.70
N ASP A 172 -21.74 21.05 7.22
CA ASP A 172 -22.34 19.81 7.68
C ASP A 172 -22.14 19.62 9.18
N TRP A 173 -20.93 19.84 9.68
CA TRP A 173 -20.66 19.71 11.11
C TRP A 173 -21.58 20.62 11.95
N ILE A 174 -21.63 21.90 11.61
CA ILE A 174 -22.51 22.85 12.30
C ILE A 174 -23.97 22.40 12.24
N THR A 175 -24.42 21.87 11.11
CA THR A 175 -25.80 21.38 10.97
C THR A 175 -26.10 20.14 11.82
N ASN A 176 -25.08 19.43 12.32
CA ASN A 176 -25.23 18.08 12.83
C ASN A 176 -24.51 17.94 14.14
N LEU A 177 -24.44 19.04 14.90
CA LEU A 177 -23.57 19.04 16.07
C LEU A 177 -23.96 17.98 17.10
N GLN A 178 -25.22 17.53 17.14
CA GLN A 178 -25.60 16.55 18.17
C GLN A 178 -24.85 15.23 17.95
N THR A 179 -24.70 14.80 16.70
CA THR A 179 -24.23 13.46 16.36
C THR A 179 -22.81 13.38 15.84
N THR A 180 -22.27 14.48 15.34
CA THR A 180 -21.19 14.44 14.34
C THR A 180 -19.89 15.05 14.87
N TYR A 181 -18.79 14.36 14.59
CA TYR A 181 -17.46 14.84 14.90
C TYR A 181 -16.81 15.19 13.57
N TYR A 182 -16.24 16.38 13.52
CA TYR A 182 -15.53 16.83 12.31
C TYR A 182 -14.04 16.46 12.43
N VAL A 183 -13.50 15.81 11.39
CA VAL A 183 -12.13 15.30 11.43
C VAL A 183 -11.30 16.11 10.43
N PRO A 184 -10.48 17.06 10.87
CA PRO A 184 -9.60 17.75 9.93
C PRO A 184 -8.50 16.80 9.50
N GLY A 185 -8.07 16.94 8.25
CA GLY A 185 -6.96 16.13 7.78
C GLY A 185 -5.61 16.76 7.98
N SER A 186 -5.57 18.06 8.30
CA SER A 186 -4.31 18.72 8.43
C SER A 186 -4.25 19.57 9.70
N VAL A 187 -3.21 20.40 9.87
CA VAL A 187 -2.99 21.10 11.16
C VAL A 187 -3.55 22.50 11.03
N VAL A 188 -4.64 22.62 10.29
CA VAL A 188 -5.32 23.88 10.07
C VAL A 188 -6.68 23.69 10.73
N GLY A 189 -7.13 24.68 11.44
CA GLY A 189 -8.47 24.61 12.05
C GLY A 189 -8.40 25.36 13.38
N PRO A 190 -9.54 25.47 14.06
CA PRO A 190 -9.53 26.16 15.34
C PRO A 190 -8.94 25.27 16.42
N HIS A 191 -8.27 25.91 17.39
CA HIS A 191 -7.83 25.18 18.56
C HIS A 191 -9.01 24.39 19.12
N PRO A 192 -8.84 23.11 19.50
CA PRO A 192 -7.59 22.39 19.71
C PRO A 192 -7.12 21.54 18.52
N TYR A 193 -7.65 21.72 17.34
CA TYR A 193 -7.40 20.79 16.25
C TYR A 193 -5.95 20.82 15.77
N PRO A 194 -5.28 21.99 15.64
CA PRO A 194 -3.86 21.93 15.20
C PRO A 194 -2.98 21.12 16.16
N ILE A 195 -3.22 21.23 17.45
CA ILE A 195 -2.43 20.49 18.42
C ILE A 195 -2.79 19.02 18.41
N ILE A 196 -4.07 18.70 18.29
CA ILE A 196 -4.44 17.29 18.26
C ILE A 196 -3.80 16.61 17.06
N VAL A 197 -3.92 17.21 15.87
CA VAL A 197 -3.40 16.54 14.66
C VAL A 197 -1.89 16.39 14.76
N ARG A 198 -1.21 17.45 15.16
CA ARG A 198 0.25 17.40 15.22
C ARG A 198 0.67 16.37 16.26
N ASN A 199 -0.08 16.22 17.36
CA ASN A 199 0.33 15.25 18.40
C ASN A 199 0.09 13.78 17.97
N PHE A 200 -0.80 13.53 17.00
CA PHE A 200 -0.89 12.20 16.39
C PHE A 200 0.14 11.98 15.30
N GLN A 201 0.61 13.03 14.66
CA GLN A 201 1.59 12.83 13.60
C GLN A 201 3.03 12.87 14.11
N LYS A 202 3.28 13.38 15.33
CA LYS A 202 4.67 13.48 15.75
C LYS A 202 5.31 12.09 15.99
N VAL A 203 4.52 11.01 16.07
CA VAL A 203 5.14 9.65 16.01
C VAL A 203 6.13 9.51 14.85
N ILE A 204 5.88 10.16 13.71
CA ILE A 204 6.79 10.05 12.57
C ILE A 204 8.17 10.54 12.95
N GLY A 205 8.25 11.77 13.49
CA GLY A 205 9.51 12.35 13.90
C GLY A 205 10.13 11.60 15.07
N GLU A 206 9.30 11.11 15.99
CA GLU A 206 9.83 10.36 17.13
C GLU A 206 10.53 9.09 16.67
N GLU A 207 9.91 8.34 15.76
CA GLU A 207 10.54 7.16 15.19
C GLU A 207 11.82 7.52 14.47
N THR A 208 11.73 8.51 13.55
CA THR A 208 12.91 8.96 12.81
C THR A 208 14.09 9.28 13.73
N LYS A 209 13.82 9.99 14.81
CA LYS A 209 14.86 10.41 15.73
C LYS A 209 15.58 9.20 16.34
N LYS A 210 14.86 8.11 16.56
CA LYS A 210 15.45 6.86 17.09
C LYS A 210 16.16 6.06 15.98
N GLN A 211 15.67 6.13 14.73
CA GLN A 211 16.21 5.30 13.65
C GLN A 211 17.44 5.89 13.00
N ILE A 212 17.58 7.20 12.98
CA ILE A 212 18.69 7.74 12.21
C ILE A 212 20.05 7.46 12.91
N PRO A 213 20.20 7.51 14.25
CA PRO A 213 21.52 7.14 14.84
C PRO A 213 21.91 5.69 14.62
N GLU A 214 20.95 4.79 14.40
CA GLU A 214 21.27 3.43 14.00
C GLU A 214 21.91 3.34 12.62
N LYS A 215 21.72 4.31 11.74
CA LYS A 215 22.30 4.24 10.40
C LYS A 215 23.48 5.15 10.27
N GLU A 216 23.47 6.28 10.96
CA GLU A 216 24.51 7.26 10.73
C GLU A 216 25.18 7.73 12.01
N GLY A 217 24.75 7.26 13.16
CA GLY A 217 25.47 7.59 14.39
C GLY A 217 25.32 9.01 14.90
N ARG A 218 24.56 9.89 14.23
CA ARG A 218 24.22 11.22 14.72
C ARG A 218 22.87 11.61 14.11
N LEU A 219 22.42 12.85 14.43
CA LEU A 219 21.31 13.58 13.77
C LEU A 219 21.55 13.74 12.28
N PRO A 220 20.49 13.79 11.47
CA PRO A 220 20.67 14.08 10.04
C PRO A 220 21.08 15.53 9.87
N ASP A 221 21.67 15.82 8.70
CA ASP A 221 21.94 17.20 8.31
C ASP A 221 20.67 17.94 7.92
N TYR A 222 19.78 17.27 7.18
CA TYR A 222 18.53 17.85 6.66
C TYR A 222 17.37 16.92 6.89
N ILE A 223 16.16 17.48 7.10
CA ILE A 223 14.90 16.74 6.96
C ILE A 223 13.99 17.57 6.05
N VAL A 224 13.44 16.95 4.99
CA VAL A 224 12.68 17.68 3.98
C VAL A 224 11.30 17.07 3.92
N ALA A 225 10.24 17.89 3.94
CA ALA A 225 8.87 17.39 3.85
C ALA A 225 8.00 18.38 3.07
N CYS A 226 7.01 17.87 2.33
CA CYS A 226 6.15 18.80 1.65
C CYS A 226 5.14 19.39 2.64
N VAL A 227 4.59 20.54 2.26
CA VAL A 227 3.76 21.33 3.20
C VAL A 227 2.60 21.93 2.43
N SER A 228 1.40 21.53 2.78
CA SER A 228 0.21 22.23 2.32
C SER A 228 -0.48 22.81 3.55
N GLY A 229 -1.39 22.05 4.17
CA GLY A 229 -1.78 22.39 5.55
C GLY A 229 -0.61 22.21 6.53
N GLY A 230 0.15 21.12 6.41
CA GLY A 230 1.38 20.99 7.13
C GLY A 230 1.47 19.76 8.05
N SER A 231 0.53 18.80 7.98
CA SER A 231 0.52 17.79 9.07
C SER A 231 1.68 16.78 8.95
N ASN A 232 2.05 16.34 7.75
CA ASN A 232 3.14 15.34 7.71
C ASN A 232 4.45 15.99 8.06
N ALA A 233 4.61 17.26 7.68
CA ALA A 233 5.82 18.00 8.00
C ALA A 233 5.88 18.35 9.48
N ALA A 234 4.77 18.78 10.08
CA ALA A 234 4.78 19.02 11.52
C ALA A 234 5.12 17.74 12.28
N GLY A 235 4.60 16.61 11.79
CA GLY A 235 4.83 15.34 12.44
C GLY A 235 6.29 14.92 12.39
N ILE A 236 6.98 15.14 11.27
CA ILE A 236 8.37 14.72 11.30
C ILE A 236 9.27 15.81 11.89
N PHE A 237 8.91 17.09 11.77
CA PHE A 237 9.76 18.20 12.27
C PHE A 237 9.68 18.36 13.80
N TYR A 238 8.51 18.12 14.39
CA TYR A 238 8.27 18.61 15.76
C TYR A 238 9.31 18.09 16.72
N PRO A 239 9.68 16.80 16.72
CA PRO A 239 10.71 16.35 17.69
C PRO A 239 12.09 16.89 17.39
N PHE A 240 12.32 17.53 16.24
CA PHE A 240 13.65 18.05 15.90
C PHE A 240 13.79 19.57 16.03
N ILE A 241 12.73 20.26 16.45
CA ILE A 241 12.78 21.72 16.53
C ILE A 241 13.88 22.12 17.52
N ASP A 242 14.73 23.08 17.12
CA ASP A 242 15.85 23.57 17.92
C ASP A 242 16.95 22.53 18.14
N SER A 243 17.01 21.48 17.34
CA SER A 243 18.08 20.48 17.41
C SER A 243 19.32 20.88 16.60
N GLY A 244 19.22 21.87 15.74
CA GLY A 244 20.31 22.12 14.79
C GLY A 244 20.20 21.41 13.43
N VAL A 245 19.32 20.41 13.28
CA VAL A 245 19.01 19.87 11.96
C VAL A 245 18.41 20.96 11.11
N LYS A 246 18.77 21.01 9.83
CA LYS A 246 18.11 21.94 8.90
C LYS A 246 16.77 21.35 8.49
N LEU A 247 15.68 21.95 8.96
CA LEU A 247 14.34 21.47 8.63
C LEU A 247 13.79 22.31 7.46
N ILE A 248 13.35 21.65 6.39
CA ILE A 248 12.95 22.37 5.16
C ILE A 248 11.56 21.91 4.78
N GLY A 249 10.60 22.82 4.81
CA GLY A 249 9.25 22.56 4.35
C GLY A 249 9.08 23.05 2.91
N VAL A 250 8.45 22.24 2.04
CA VAL A 250 8.39 22.54 0.59
C VAL A 250 6.94 22.70 0.22
N GLU A 251 6.62 23.93 -0.21
CA GLU A 251 5.24 24.22 -0.63
C GLU A 251 5.09 24.00 -2.13
N ALA A 252 3.86 23.97 -2.62
CA ALA A 252 3.54 23.83 -4.04
C ALA A 252 3.72 25.16 -4.74
N GLY A 253 4.70 25.22 -5.65
CA GLY A 253 4.91 26.37 -6.51
C GLY A 253 4.06 26.37 -7.76
N GLY A 254 3.33 25.27 -8.05
CA GLY A 254 2.36 25.26 -9.16
C GLY A 254 3.04 25.59 -10.46
N GLU A 255 2.44 26.51 -11.23
CA GLU A 255 3.06 26.93 -12.49
C GLU A 255 4.25 27.85 -12.25
N GLY A 256 4.43 28.29 -11.04
CA GLY A 256 5.55 29.17 -10.70
C GLY A 256 5.07 30.22 -9.70
N LEU A 257 5.95 30.62 -8.78
CA LEU A 257 5.55 31.49 -7.68
C LEU A 257 5.16 32.89 -8.15
N GLU A 258 5.61 33.31 -9.33
CA GLU A 258 5.27 34.62 -9.87
C GLU A 258 4.12 34.56 -10.88
N THR A 259 3.48 33.41 -11.07
CA THR A 259 2.38 33.24 -12.01
C THR A 259 1.01 33.47 -11.34
N GLY A 260 0.89 33.52 -10.03
CA GLY A 260 -0.44 33.49 -9.47
C GLY A 260 -1.14 32.13 -9.50
N LYS A 261 -0.48 31.06 -9.95
CA LYS A 261 -1.11 29.74 -9.95
C LYS A 261 -0.26 28.81 -9.08
N HIS A 262 -0.49 28.80 -7.78
CA HIS A 262 0.34 28.01 -6.86
C HIS A 262 -0.50 27.82 -5.59
N ALA A 263 0.09 27.21 -4.58
CA ALA A 263 -0.55 27.03 -3.31
C ALA A 263 0.44 27.38 -2.18
N ALA A 264 1.27 28.39 -2.43
CA ALA A 264 2.41 28.68 -1.52
C ALA A 264 2.01 29.76 -0.50
N SER A 265 1.22 29.37 0.50
CA SER A 265 0.69 30.31 1.51
C SER A 265 1.79 31.00 2.31
N LEU A 266 2.82 30.25 2.77
CA LEU A 266 3.83 30.94 3.58
C LEU A 266 4.61 31.91 2.74
N LEU A 267 4.94 31.51 1.54
CA LEU A 267 5.82 32.34 0.71
C LEU A 267 5.11 33.53 0.09
N LYS A 268 3.81 33.41 -0.20
CA LYS A 268 3.09 34.38 -0.99
C LYS A 268 1.80 34.84 -0.33
N GLY A 269 1.38 34.25 0.77
CA GLY A 269 0.11 34.65 1.38
C GLY A 269 0.25 35.85 2.30
N LYS A 270 -0.88 36.24 2.88
CA LYS A 270 -0.90 37.31 3.88
C LYS A 270 -1.57 36.81 5.13
N ILE A 271 -1.34 37.47 6.26
CA ILE A 271 -2.04 37.05 7.47
C ILE A 271 -3.54 37.22 7.31
N GLY A 272 -4.30 36.22 7.78
CA GLY A 272 -5.71 36.25 7.59
C GLY A 272 -6.34 35.11 8.38
N TYR A 273 -7.62 34.88 8.15
CA TYR A 273 -8.35 33.83 8.85
C TYR A 273 -8.84 32.83 7.81
N LEU A 274 -8.59 31.53 8.05
CA LEU A 274 -9.20 30.49 7.23
C LEU A 274 -9.57 29.29 8.08
N HIS A 275 -10.81 28.83 7.95
CA HIS A 275 -11.26 27.58 8.56
C HIS A 275 -10.95 27.49 10.05
N GLY A 276 -10.97 28.62 10.73
CA GLY A 276 -10.78 28.68 12.18
C GLY A 276 -9.41 29.15 12.68
N SER A 277 -8.38 29.22 11.82
CA SER A 277 -7.04 29.64 12.25
C SER A 277 -6.75 31.04 11.75
N LYS A 278 -6.00 31.78 12.55
CA LYS A 278 -5.30 32.96 12.03
C LYS A 278 -3.94 32.51 11.52
N THR A 279 -3.66 32.72 10.24
CA THR A 279 -2.48 32.08 9.67
C THR A 279 -2.20 32.78 8.35
N PHE A 280 -1.28 32.24 7.56
CA PHE A 280 -1.02 32.78 6.22
C PHE A 280 -1.99 32.19 5.22
N VAL A 281 -2.61 33.03 4.41
CA VAL A 281 -3.66 32.67 3.47
C VAL A 281 -3.42 33.42 2.18
N LEU A 282 -3.54 32.73 1.05
CA LEU A 282 -3.47 33.40 -0.25
C LEU A 282 -4.69 34.31 -0.37
N GLN A 283 -4.47 35.61 -0.45
CA GLN A 283 -5.54 36.60 -0.43
C GLN A 283 -5.21 37.70 -1.41
N ASP A 284 -6.25 38.31 -1.98
CA ASP A 284 -6.02 39.58 -2.66
C ASP A 284 -5.87 40.71 -1.65
N ASP A 285 -5.66 41.95 -2.16
CA ASP A 285 -5.41 43.10 -1.28
C ASP A 285 -6.68 43.65 -0.62
N TRP A 286 -7.82 43.07 -0.88
CA TRP A 286 -9.03 43.38 -0.14
C TRP A 286 -9.40 42.32 0.89
N GLY A 287 -8.52 41.33 1.12
CA GLY A 287 -8.76 40.31 2.11
C GLY A 287 -9.64 39.18 1.62
N GLN A 288 -9.85 39.04 0.34
CA GLN A 288 -10.63 37.94 -0.18
C GLN A 288 -9.72 36.72 -0.46
N VAL A 289 -10.09 35.54 0.06
CA VAL A 289 -9.24 34.35 -0.15
C VAL A 289 -9.25 34.00 -1.63
N GLN A 290 -8.10 33.62 -2.14
CA GLN A 290 -7.93 33.30 -3.55
CA GLN A 290 -7.90 33.30 -3.54
C GLN A 290 -7.89 31.79 -3.75
N ALA A 291 -8.21 31.39 -4.97
CA ALA A 291 -8.11 29.99 -5.33
C ALA A 291 -6.64 29.60 -5.42
N SER A 292 -6.30 28.46 -4.86
CA SER A 292 -4.97 27.92 -5.06
C SER A 292 -4.92 27.06 -6.34
N HIS A 293 -3.72 26.68 -6.76
CA HIS A 293 -3.50 25.70 -7.83
CA HIS A 293 -3.52 25.70 -7.82
C HIS A 293 -2.26 24.86 -7.55
N SER A 294 -2.34 23.56 -7.84
CA SER A 294 -1.19 22.64 -7.82
C SER A 294 -1.54 21.45 -8.69
N VAL A 295 -0.53 20.90 -9.39
CA VAL A 295 -0.75 19.57 -9.97
C VAL A 295 -1.11 18.52 -8.89
N SER A 296 -0.73 18.73 -7.64
CA SER A 296 -1.05 17.78 -6.59
C SER A 296 -2.34 18.18 -5.86
N ALA A 297 -3.35 17.30 -5.85
CA ALA A 297 -4.61 17.63 -5.19
C ALA A 297 -4.44 17.83 -3.70
N GLY A 298 -3.51 17.11 -3.09
CA GLY A 298 -3.31 17.23 -1.67
C GLY A 298 -2.66 18.53 -1.26
N LEU A 299 -1.93 19.18 -2.17
CA LEU A 299 -1.28 20.44 -1.81
C LEU A 299 -2.09 21.64 -2.26
N ASP A 300 -3.24 21.41 -2.85
CA ASP A 300 -4.03 22.45 -3.51
C ASP A 300 -4.98 23.11 -2.51
N TYR A 301 -4.42 23.99 -1.67
CA TYR A 301 -5.16 24.56 -0.54
C TYR A 301 -4.58 25.94 -0.24
N PRO A 302 -5.38 26.99 -0.06
CA PRO A 302 -4.80 28.32 0.03
C PRO A 302 -4.27 28.74 1.40
N GLY A 303 -4.34 27.90 2.45
CA GLY A 303 -3.83 28.25 3.76
C GLY A 303 -2.75 27.26 4.23
N VAL A 304 -2.26 27.51 5.44
CA VAL A 304 -1.19 26.68 6.02
C VAL A 304 -1.43 26.66 7.50
N GLY A 305 -0.98 25.60 8.17
CA GLY A 305 -1.17 25.53 9.60
C GLY A 305 -0.45 26.65 10.39
N PRO A 306 -1.09 27.15 11.43
CA PRO A 306 -0.50 28.24 12.24
C PRO A 306 0.82 27.86 12.90
N GLU A 307 1.04 26.57 13.17
CA GLU A 307 2.34 26.21 13.78
C GLU A 307 3.47 26.44 12.79
N HIS A 308 3.21 26.22 11.50
CA HIS A 308 4.22 26.48 10.49
C HIS A 308 4.44 27.98 10.29
N ALA A 309 3.38 28.81 10.36
CA ALA A 309 3.57 30.25 10.28
C ALA A 309 4.47 30.72 11.38
N TYR A 310 4.26 30.16 12.57
CA TYR A 310 5.11 30.45 13.70
C TYR A 310 6.55 29.93 13.51
N TRP A 311 6.73 28.70 13.00
CA TRP A 311 8.10 28.21 12.79
C TRP A 311 8.82 29.01 11.74
N ARG A 312 8.11 29.46 10.73
CA ARG A 312 8.75 30.25 9.70
CA ARG A 312 8.77 30.24 9.71
C ARG A 312 9.23 31.57 10.28
N GLU A 313 8.35 32.25 11.00
CA GLU A 313 8.65 33.55 11.61
C GLU A 313 9.84 33.51 12.56
N THR A 314 9.97 32.45 13.35
CA THR A 314 11.02 32.34 14.33
C THR A 314 12.27 31.67 13.77
N GLY A 315 12.27 31.26 12.51
CA GLY A 315 13.42 30.64 11.84
C GLY A 315 13.66 29.20 12.23
N LYS A 316 12.72 28.56 12.92
CA LYS A 316 12.97 27.19 13.34
C LYS A 316 12.88 26.20 12.18
N VAL A 317 12.18 26.56 11.12
CA VAL A 317 12.04 25.74 9.92
C VAL A 317 12.20 26.69 8.74
N LEU A 318 12.84 26.21 7.69
CA LEU A 318 12.99 27.01 6.47
CA LEU A 318 13.01 26.98 6.47
C LEU A 318 12.00 26.52 5.43
N TYR A 319 11.44 27.44 4.66
CA TYR A 319 10.43 27.06 3.69
C TYR A 319 10.81 27.54 2.32
N ASP A 320 10.42 26.77 1.31
CA ASP A 320 10.64 27.10 -0.09
C ASP A 320 9.59 26.34 -0.91
N ALA A 321 9.67 26.45 -2.25
CA ALA A 321 8.68 25.76 -3.08
C ALA A 321 9.37 25.12 -4.27
N VAL A 322 8.70 24.17 -4.91
CA VAL A 322 9.09 23.67 -6.21
C VAL A 322 7.83 23.68 -7.10
N THR A 323 8.04 23.70 -8.41
CA THR A 323 6.97 23.79 -9.38
C THR A 323 6.35 22.41 -9.68
N ASP A 324 5.16 22.45 -10.28
CA ASP A 324 4.47 21.26 -10.83
C ASP A 324 5.44 20.41 -11.64
N GLU A 325 6.19 21.04 -12.57
CA GLU A 325 7.08 20.26 -13.42
C GLU A 325 8.21 19.60 -12.62
N GLU A 326 8.82 20.34 -11.67
CA GLU A 326 9.86 19.73 -10.81
C GLU A 326 9.28 18.54 -10.04
N ALA A 327 8.07 18.68 -9.52
CA ALA A 327 7.50 17.55 -8.77
C ALA A 327 7.19 16.36 -9.68
N LEU A 328 6.70 16.63 -10.90
CA LEU A 328 6.47 15.53 -11.85
C LEU A 328 7.77 14.82 -12.18
N ASP A 329 8.84 15.57 -12.41
CA ASP A 329 10.14 14.93 -12.63
C ASP A 329 10.54 14.05 -11.46
N ALA A 330 10.31 14.49 -10.23
CA ALA A 330 10.75 13.71 -9.07
C ALA A 330 9.88 12.47 -8.90
N PHE A 331 8.60 12.55 -9.26
CA PHE A 331 7.72 11.38 -9.19
C PHE A 331 8.24 10.27 -10.11
N ILE A 332 8.64 10.66 -11.31
CA ILE A 332 9.14 9.72 -12.31
C ILE A 332 10.50 9.19 -11.91
N GLU A 333 11.35 10.06 -11.40
CA GLU A 333 12.69 9.66 -10.98
C GLU A 333 12.64 8.62 -9.86
N LEU A 334 11.84 8.85 -8.81
CA LEU A 334 11.83 7.85 -7.75
C LEU A 334 11.29 6.51 -8.27
N SER A 335 10.26 6.55 -9.09
CA SER A 335 9.69 5.30 -9.64
C SER A 335 10.75 4.49 -10.37
N ARG A 336 11.57 5.18 -11.18
CA ARG A 336 12.55 4.54 -12.06
C ARG A 336 13.79 4.11 -11.31
N LEU A 337 14.23 4.90 -10.34
CA LEU A 337 15.49 4.64 -9.67
C LEU A 337 15.34 3.74 -8.47
N GLU A 338 14.25 3.89 -7.70
CA GLU A 338 14.09 3.10 -6.48
C GLU A 338 12.93 2.13 -6.56
N GLY A 339 12.14 2.17 -7.63
CA GLY A 339 10.99 1.29 -7.73
C GLY A 339 9.92 1.67 -6.71
N ILE A 340 9.87 2.93 -6.29
CA ILE A 340 8.84 3.38 -5.36
C ILE A 340 8.10 4.49 -6.07
N ILE A 341 6.78 4.36 -6.22
CA ILE A 341 5.96 5.39 -6.87
C ILE A 341 5.46 6.31 -5.77
N PRO A 342 5.96 7.53 -5.64
CA PRO A 342 5.58 8.38 -4.50
C PRO A 342 4.27 9.12 -4.79
N ALA A 343 3.60 9.58 -3.73
CA ALA A 343 2.53 10.54 -3.94
C ALA A 343 3.07 11.81 -4.62
N LEU A 344 2.22 12.45 -5.40
CA LEU A 344 2.63 13.71 -6.01
C LEU A 344 2.86 14.79 -4.96
N GLU A 345 2.19 14.73 -3.82
CA GLU A 345 2.53 15.63 -2.71
C GLU A 345 4.00 15.46 -2.31
N SER A 346 4.36 14.22 -1.91
CA SER A 346 5.72 13.91 -1.42
C SER A 346 6.76 14.18 -2.51
N SER A 347 6.40 14.06 -3.78
CA SER A 347 7.33 14.38 -4.87
C SER A 347 7.83 15.83 -4.79
N HIS A 348 7.09 16.74 -4.16
CA HIS A 348 7.59 18.11 -3.99
C HIS A 348 8.82 18.11 -3.08
N ALA A 349 8.79 17.29 -1.98
CA ALA A 349 9.93 17.16 -1.09
C ALA A 349 11.13 16.52 -1.79
N LEU A 350 10.88 15.46 -2.59
CA LEU A 350 11.95 14.79 -3.36
C LEU A 350 12.56 15.72 -4.42
N ALA A 351 11.73 16.54 -5.10
CA ALA A 351 12.24 17.53 -6.07
C ALA A 351 13.22 18.50 -5.40
N TYR A 352 13.08 18.70 -4.10
CA TYR A 352 13.92 19.71 -3.47
C TYR A 352 15.35 19.21 -3.28
N LEU A 353 15.60 17.91 -3.41
CA LEU A 353 16.98 17.42 -3.34
C LEU A 353 17.86 18.14 -4.35
N LYS A 354 17.29 18.53 -5.49
CA LYS A 354 18.12 19.21 -6.49
C LYS A 354 18.47 20.65 -6.05
N LYS A 355 17.86 21.18 -5.01
CA LYS A 355 18.06 22.57 -4.62
C LYS A 355 18.92 22.76 -3.39
N ILE A 356 19.39 21.70 -2.77
CA ILE A 356 20.23 21.95 -1.62
C ILE A 356 21.61 21.43 -1.97
N ASN A 357 22.64 21.94 -1.29
CA ASN A 357 24.01 21.44 -1.47
C ASN A 357 24.16 20.19 -0.62
N ILE A 358 23.88 19.00 -1.16
CA ILE A 358 23.80 17.84 -0.26
C ILE A 358 24.96 16.87 -0.39
N LYS A 359 25.97 17.15 -1.23
CA LYS A 359 27.09 16.20 -1.35
C LYS A 359 27.63 15.87 0.04
N GLY A 360 27.71 14.57 0.35
CA GLY A 360 28.15 14.07 1.65
C GLY A 360 27.15 14.22 2.79
N LYS A 361 25.94 14.73 2.57
CA LYS A 361 25.07 15.04 3.71
C LYS A 361 24.11 13.89 3.97
N VAL A 362 23.65 13.79 5.21
CA VAL A 362 22.60 12.84 5.55
C VAL A 362 21.26 13.59 5.44
N VAL A 363 20.38 13.11 4.57
CA VAL A 363 19.12 13.83 4.29
C VAL A 363 18.00 12.83 4.50
N VAL A 364 17.00 13.18 5.34
CA VAL A 364 15.80 12.38 5.46
C VAL A 364 14.69 13.08 4.67
N VAL A 365 14.00 12.34 3.78
CA VAL A 365 12.84 12.85 3.06
C VAL A 365 11.64 12.14 3.62
N ASN A 366 10.62 12.90 3.99
CA ASN A 366 9.39 12.28 4.48
C ASN A 366 8.61 11.80 3.27
N LEU A 367 8.47 10.48 3.08
CA LEU A 367 7.72 9.95 1.93
C LEU A 367 6.29 9.78 2.44
N SER A 368 5.46 10.84 2.32
CA SER A 368 4.22 10.89 3.10
C SER A 368 3.16 9.93 2.53
N GLY A 369 3.21 9.61 1.23
CA GLY A 369 2.27 8.61 0.79
C GLY A 369 2.67 8.00 -0.53
N ARG A 370 1.86 7.06 -1.01
CA ARG A 370 2.21 6.43 -2.28
C ARG A 370 1.36 7.03 -3.40
N GLY A 371 1.81 6.80 -4.63
CA GLY A 371 1.31 7.53 -5.78
C GLY A 371 0.31 6.80 -6.65
N ASP A 372 -0.22 5.64 -6.23
CA ASP A 372 -1.16 4.96 -7.12
CA ASP A 372 -1.20 4.93 -7.06
C ASP A 372 -2.37 5.84 -7.45
N LYS A 373 -2.85 6.66 -6.51
CA LYS A 373 -3.94 7.59 -6.82
C LYS A 373 -3.57 8.56 -7.95
N ASP A 374 -2.28 8.81 -8.19
CA ASP A 374 -1.86 9.86 -9.11
C ASP A 374 -1.52 9.31 -10.50
N LEU A 375 -1.52 7.99 -10.67
CA LEU A 375 -1.00 7.40 -11.92
C LEU A 375 -1.72 7.94 -13.15
N GLU A 376 -3.06 7.87 -13.18
CA GLU A 376 -3.75 8.32 -14.39
C GLU A 376 -3.42 9.79 -14.70
N SER A 377 -3.44 10.67 -13.68
CA SER A 377 -3.13 12.09 -13.90
C SER A 377 -1.71 12.31 -14.40
N VAL A 378 -0.71 11.62 -13.86
CA VAL A 378 0.67 11.86 -14.30
C VAL A 378 0.84 11.35 -15.73
N LEU A 379 0.36 10.14 -16.02
CA LEU A 379 0.56 9.55 -17.35
C LEU A 379 -0.10 10.39 -18.43
N ASN A 380 -1.23 11.04 -18.12
CA ASN A 380 -1.92 11.95 -19.05
C ASN A 380 -1.45 13.39 -19.03
N HIS A 381 -0.55 13.80 -18.12
CA HIS A 381 -0.16 15.22 -18.04
C HIS A 381 0.61 15.63 -19.30
N PRO A 382 0.37 16.84 -19.84
CA PRO A 382 1.08 17.26 -21.08
C PRO A 382 2.59 17.33 -20.95
N TYR A 383 3.10 17.71 -19.79
CA TYR A 383 4.53 17.70 -19.53
C TYR A 383 5.11 16.28 -19.56
N VAL A 384 4.40 15.33 -19.01
CA VAL A 384 4.87 13.96 -19.06
C VAL A 384 4.67 13.39 -20.45
N ARG A 385 3.56 13.77 -21.12
CA ARG A 385 3.37 13.31 -22.50
C ARG A 385 4.48 13.87 -23.41
N GLU A 386 4.96 15.08 -23.13
CA GLU A 386 6.17 15.59 -23.80
C GLU A 386 7.44 15.03 -23.16
N ARG A 387 7.53 13.71 -22.95
CA ARG A 387 8.75 13.09 -22.42
C ARG A 387 8.86 11.70 -23.01
N LYS B 2 17.43 -33.45 -5.58
CA LYS B 2 16.04 -33.25 -5.21
C LYS B 2 15.19 -32.94 -6.47
N GLY B 3 14.29 -31.97 -6.35
CA GLY B 3 13.38 -31.62 -7.42
C GLY B 3 12.00 -32.23 -7.29
N ASN B 4 11.89 -33.32 -6.54
CA ASN B 4 10.66 -34.13 -6.55
C ASN B 4 10.03 -34.08 -5.18
N PHE B 5 8.73 -33.90 -5.17
CA PHE B 5 7.96 -33.87 -3.94
C PHE B 5 7.14 -35.11 -4.10
N GLY B 6 7.58 -36.23 -3.52
CA GLY B 6 6.99 -37.50 -3.88
C GLY B 6 7.17 -37.70 -5.38
N PRO B 7 6.08 -38.02 -6.11
CA PRO B 7 6.16 -38.20 -7.56
C PRO B 7 6.03 -36.90 -8.35
N TYR B 8 5.81 -35.77 -7.68
CA TYR B 8 5.49 -34.49 -8.34
C TYR B 8 6.77 -33.68 -8.55
N GLY B 9 6.69 -32.73 -9.47
CA GLY B 9 7.76 -31.77 -9.64
C GLY B 9 8.65 -32.14 -10.81
N GLY B 10 9.95 -32.23 -10.55
CA GLY B 10 10.91 -32.54 -11.63
C GLY B 10 11.31 -31.34 -12.48
N GLN B 11 11.96 -31.66 -13.61
CA GLN B 11 12.39 -30.68 -14.62
C GLN B 11 11.88 -31.13 -16.00
N ASN B 12 10.61 -30.87 -16.31
CA ASN B 12 10.02 -31.36 -17.58
C ASN B 12 9.96 -30.23 -18.60
N VAL B 13 11.09 -30.07 -19.29
CA VAL B 13 11.35 -28.85 -20.08
C VAL B 13 12.02 -29.25 -21.38
N PRO B 14 11.94 -28.41 -22.40
CA PRO B 14 12.83 -28.56 -23.56
C PRO B 14 14.27 -28.71 -23.12
N GLU B 15 15.03 -29.53 -23.86
CA GLU B 15 16.45 -29.74 -23.54
C GLU B 15 17.24 -28.42 -23.50
N ILE B 16 16.91 -27.46 -24.36
CA ILE B 16 17.64 -26.20 -24.34
C ILE B 16 17.63 -25.48 -22.97
N LEU B 17 16.74 -25.85 -22.03
CA LEU B 17 16.75 -25.18 -20.70
C LEU B 17 17.62 -25.88 -19.66
N MET B 18 18.07 -27.10 -19.95
CA MET B 18 18.73 -27.90 -18.91
C MET B 18 19.98 -27.20 -18.42
N GLY B 19 20.75 -26.60 -19.32
CA GLY B 19 21.97 -25.94 -18.90
C GLY B 19 21.71 -24.75 -18.02
N ALA B 20 20.72 -23.93 -18.39
CA ALA B 20 20.35 -22.77 -17.55
C ALA B 20 19.86 -23.22 -16.18
N LEU B 21 19.11 -24.32 -16.11
CA LEU B 21 18.60 -24.77 -14.83
C LEU B 21 19.70 -25.34 -13.95
N GLU B 22 20.68 -26.02 -14.57
CA GLU B 22 21.87 -26.47 -13.83
C GLU B 22 22.65 -25.29 -13.26
N GLU B 23 22.92 -24.28 -14.08
CA GLU B 23 23.61 -23.07 -13.59
C GLU B 23 22.79 -22.38 -12.49
N LEU B 24 21.47 -22.34 -12.64
CA LEU B 24 20.62 -21.71 -11.61
C LEU B 24 20.75 -22.47 -10.29
N GLU B 25 20.65 -23.79 -10.34
CA GLU B 25 20.72 -24.58 -9.12
C GLU B 25 22.09 -24.44 -8.45
N ALA B 26 23.15 -24.41 -9.24
CA ALA B 26 24.49 -24.20 -8.70
C ALA B 26 24.60 -22.83 -8.04
N ALA B 27 24.19 -21.78 -8.76
CA ALA B 27 24.26 -20.44 -8.18
C ALA B 27 23.43 -20.38 -6.92
N TYR B 28 22.27 -21.01 -6.91
CA TYR B 28 21.42 -20.94 -5.72
C TYR B 28 22.07 -21.63 -4.54
N GLU B 29 22.60 -22.83 -4.77
CA GLU B 29 23.25 -23.54 -3.69
C GLU B 29 24.43 -22.72 -3.14
N GLY B 30 25.13 -21.99 -4.01
CA GLY B 30 26.14 -21.04 -3.54
C GLY B 30 25.61 -19.98 -2.58
N ILE B 31 24.51 -19.30 -2.93
CA ILE B 31 24.06 -18.22 -2.04
C ILE B 31 23.41 -18.75 -0.75
N MET B 32 22.88 -19.98 -0.78
CA MET B 32 22.16 -20.51 0.38
C MET B 32 23.10 -20.67 1.57
N LYS B 33 24.38 -20.38 1.36
CA LYS B 33 25.37 -20.42 2.42
C LYS B 33 26.10 -19.10 2.62
N ASP B 34 25.72 -18.05 1.90
CA ASP B 34 26.51 -16.83 1.78
C ASP B 34 25.92 -15.73 2.67
N GLU B 35 26.66 -15.37 3.73
CA GLU B 35 26.10 -14.43 4.68
C GLU B 35 25.91 -13.04 4.04
N SER B 36 26.73 -12.69 3.07
CA SER B 36 26.66 -11.42 2.35
C SER B 36 25.36 -11.31 1.52
N PHE B 37 24.93 -12.39 0.89
CA PHE B 37 23.62 -12.42 0.23
C PHE B 37 22.48 -12.17 1.23
N TRP B 38 22.40 -12.98 2.28
CA TRP B 38 21.29 -12.82 3.22
C TRP B 38 21.35 -11.49 3.97
N LYS B 39 22.53 -10.91 4.17
CA LYS B 39 22.56 -9.60 4.80
C LYS B 39 21.86 -8.56 3.91
N GLU B 40 22.26 -8.50 2.64
CA GLU B 40 21.62 -7.58 1.69
C GLU B 40 20.14 -7.88 1.54
N TYR B 41 19.78 -9.14 1.41
CA TYR B 41 18.39 -9.50 1.20
C TYR B 41 17.52 -9.14 2.40
N ASN B 42 17.92 -9.58 3.60
CA ASN B 42 17.13 -9.29 4.80
C ASN B 42 17.04 -7.79 5.11
N ASP B 43 18.11 -7.02 4.89
CA ASP B 43 18.04 -5.55 4.98
C ASP B 43 16.96 -4.97 4.05
N LEU B 44 16.86 -5.50 2.83
CA LEU B 44 15.83 -5.02 1.90
C LEU B 44 14.44 -5.46 2.32
N LEU B 45 14.29 -6.70 2.78
CA LEU B 45 12.96 -7.11 3.27
C LEU B 45 12.48 -6.18 4.39
N ARG B 46 13.40 -5.81 5.28
CA ARG B 46 13.07 -4.94 6.42
C ARG B 46 12.72 -3.51 5.96
N ASP B 47 13.63 -2.83 5.28
CA ASP B 47 13.46 -1.39 5.02
C ASP B 47 12.78 -1.09 3.71
N TYR B 48 12.95 -1.96 2.72
CA TYR B 48 12.35 -1.67 1.42
C TYR B 48 10.98 -2.26 1.35
N ALA B 49 10.83 -3.54 1.72
CA ALA B 49 9.52 -4.17 1.64
C ALA B 49 8.65 -3.93 2.88
N GLY B 50 9.25 -3.72 4.04
CA GLY B 50 8.48 -3.45 5.24
C GLY B 50 8.27 -4.61 6.19
N ARG B 51 9.06 -5.70 6.11
CA ARG B 51 8.84 -6.83 7.03
C ARG B 51 9.46 -6.53 8.40
N PRO B 52 8.96 -7.17 9.51
CA PRO B 52 7.87 -8.19 9.56
C PRO B 52 6.53 -7.56 9.34
N THR B 53 5.64 -8.26 8.77
CA THR B 53 4.30 -7.75 8.68
C THR B 53 3.52 -8.10 9.96
N PRO B 54 2.56 -7.26 10.34
CA PRO B 54 1.82 -7.53 11.59
C PRO B 54 0.88 -8.71 11.45
N LEU B 55 0.50 -9.24 12.62
CA LEU B 55 -0.55 -10.23 12.71
C LEU B 55 -1.70 -9.53 13.45
N TYR B 56 -2.75 -9.21 12.75
CA TYR B 56 -3.76 -8.28 13.22
C TYR B 56 -4.99 -8.99 13.74
N PHE B 57 -5.37 -8.69 14.99
CA PHE B 57 -6.57 -9.32 15.53
C PHE B 57 -7.81 -8.65 14.94
N ALA B 58 -8.60 -9.37 14.15
CA ALA B 58 -9.74 -8.77 13.48
C ALA B 58 -10.97 -8.86 14.38
N ARG B 59 -11.11 -7.87 15.26
CA ARG B 59 -12.10 -7.94 16.34
C ARG B 59 -13.53 -8.08 15.80
N ARG B 60 -13.91 -7.27 14.82
CA ARG B 60 -15.27 -7.37 14.30
C ARG B 60 -15.55 -8.70 13.59
N LEU B 61 -14.56 -9.25 12.88
CA LEU B 61 -14.75 -10.53 12.23
C LEU B 61 -14.76 -11.65 13.26
N SER B 62 -13.94 -11.50 14.32
CA SER B 62 -13.92 -12.45 15.43
C SER B 62 -15.28 -12.53 16.10
N GLU B 63 -15.91 -11.38 16.33
CA GLU B 63 -17.27 -11.29 16.89
C GLU B 63 -18.30 -11.95 15.97
N LYS B 64 -18.22 -11.68 14.67
CA LYS B 64 -19.16 -12.30 13.72
C LYS B 64 -19.14 -13.82 13.76
N TYR B 65 -17.97 -14.45 13.85
CA TYR B 65 -17.86 -15.89 13.73
C TYR B 65 -17.67 -16.58 15.07
N GLY B 66 -17.80 -15.84 16.18
CA GLY B 66 -17.53 -16.38 17.49
C GLY B 66 -16.17 -17.02 17.59
N ALA B 67 -15.21 -16.57 16.78
CA ALA B 67 -13.84 -17.09 16.81
C ALA B 67 -12.83 -15.98 17.15
N ARG B 68 -11.60 -16.35 17.25
CA ARG B 68 -10.49 -15.39 17.34
C ARG B 68 -9.78 -15.43 15.98
N VAL B 69 -10.10 -14.44 15.13
CA VAL B 69 -9.58 -14.38 13.76
C VAL B 69 -8.43 -13.37 13.68
N TYR B 70 -7.26 -13.85 13.23
CA TYR B 70 -6.07 -13.02 13.02
C TYR B 70 -5.76 -12.99 11.52
N LEU B 71 -5.39 -11.81 11.01
CA LEU B 71 -5.03 -11.65 9.60
C LEU B 71 -3.52 -11.40 9.54
N LYS B 72 -2.81 -12.22 8.77
CA LYS B 72 -1.40 -11.98 8.54
C LYS B 72 -1.37 -10.96 7.41
N ARG B 73 -0.81 -9.77 7.68
CA ARG B 73 -1.02 -8.57 6.83
C ARG B 73 0.04 -8.45 5.74
N GLU B 74 0.10 -9.43 4.84
CA GLU B 74 0.99 -9.27 3.68
C GLU B 74 0.52 -8.16 2.74
N ASP B 75 -0.71 -7.69 2.92
CA ASP B 75 -1.19 -6.54 2.13
C ASP B 75 -0.36 -5.30 2.45
N LEU B 76 0.28 -5.25 3.63
CA LEU B 76 1.03 -4.03 4.04
C LEU B 76 2.43 -3.97 3.46
N LEU B 77 2.89 -4.99 2.72
CA LEU B 77 4.18 -4.91 2.03
C LEU B 77 4.20 -3.82 0.95
N HIS B 78 5.40 -3.33 0.65
CA HIS B 78 5.64 -2.59 -0.58
C HIS B 78 5.11 -3.34 -1.79
N THR B 79 4.32 -2.65 -2.63
CA THR B 79 3.59 -3.12 -3.81
C THR B 79 2.24 -3.79 -3.45
N GLY B 80 2.00 -4.09 -2.18
CA GLY B 80 0.66 -4.52 -1.80
C GLY B 80 0.42 -6.03 -1.88
N ALA B 81 1.45 -6.87 -1.97
CA ALA B 81 1.23 -8.33 -1.91
C ALA B 81 2.51 -9.07 -1.54
N HIS B 82 2.34 -10.37 -1.16
CA HIS B 82 3.46 -11.24 -0.83
C HIS B 82 4.46 -11.42 -1.96
N LYS B 83 4.09 -11.08 -3.19
CA LYS B 83 4.96 -11.36 -4.33
C LYS B 83 6.30 -10.67 -4.20
N ILE B 84 6.34 -9.56 -3.46
CA ILE B 84 7.59 -8.83 -3.37
C ILE B 84 8.67 -9.66 -2.65
N ASN B 85 8.29 -10.57 -1.72
CA ASN B 85 9.33 -11.36 -1.01
C ASN B 85 10.20 -12.13 -2.01
N ASN B 86 9.53 -12.80 -2.94
CA ASN B 86 10.17 -13.63 -3.94
C ASN B 86 10.85 -12.78 -5.01
N ALA B 87 10.17 -11.74 -5.49
CA ALA B 87 10.74 -10.91 -6.57
C ALA B 87 12.05 -10.27 -6.14
N ILE B 88 12.12 -9.79 -4.89
CA ILE B 88 13.39 -9.16 -4.47
C ILE B 88 14.49 -10.23 -4.43
N GLY B 89 14.19 -11.40 -3.87
CA GLY B 89 15.20 -12.43 -3.74
C GLY B 89 15.70 -12.94 -5.09
N GLN B 90 14.79 -13.15 -6.03
CA GLN B 90 15.22 -13.68 -7.34
C GLN B 90 15.91 -12.64 -8.17
N VAL B 91 15.49 -11.36 -8.08
CA VAL B 91 16.22 -10.39 -8.90
C VAL B 91 17.61 -10.15 -8.29
N LEU B 92 17.74 -10.23 -6.96
CA LEU B 92 19.05 -10.16 -6.35
C LEU B 92 19.95 -11.30 -6.81
N LEU B 93 19.43 -12.52 -6.80
CA LEU B 93 20.15 -13.66 -7.39
C LEU B 93 20.53 -13.42 -8.87
N ALA B 94 19.58 -12.91 -9.67
CA ALA B 94 19.88 -12.62 -11.08
C ALA B 94 21.06 -11.68 -11.20
N LYS B 95 21.07 -10.65 -10.35
CA LYS B 95 22.16 -9.67 -10.34
C LYS B 95 23.48 -10.32 -10.03
N LEU B 96 23.48 -11.17 -9.02
CA LEU B 96 24.68 -11.89 -8.62
C LEU B 96 25.16 -12.83 -9.69
N MET B 97 24.26 -13.45 -10.46
CA MET B 97 24.63 -14.33 -11.55
C MET B 97 25.09 -13.56 -12.78
N GLY B 98 25.04 -12.23 -12.76
CA GLY B 98 25.44 -11.41 -13.91
C GLY B 98 24.42 -11.19 -15.01
N LYS B 99 23.15 -11.54 -14.79
CA LYS B 99 22.16 -11.27 -15.81
C LYS B 99 21.85 -9.78 -15.86
N THR B 100 21.35 -9.30 -17.01
CA THR B 100 21.12 -7.87 -17.13
C THR B 100 19.66 -7.53 -17.44
N ARG B 101 18.81 -8.56 -17.61
CA ARG B 101 17.43 -8.41 -18.06
C ARG B 101 16.60 -9.42 -17.28
N ILE B 102 15.36 -9.04 -16.97
CA ILE B 102 14.43 -9.88 -16.21
C ILE B 102 13.18 -10.12 -17.07
N THR B 103 12.61 -11.32 -17.02
CA THR B 103 11.33 -11.47 -17.65
C THR B 103 10.44 -12.32 -16.75
N ALA B 104 9.13 -12.14 -16.92
CA ALA B 104 8.10 -12.82 -16.12
C ALA B 104 6.75 -12.70 -16.81
N GLY B 105 5.80 -13.57 -16.41
CA GLY B 105 4.40 -13.39 -16.75
C GLY B 105 3.58 -13.02 -15.51
N THR B 106 2.41 -12.39 -15.66
CA THR B 106 1.69 -11.98 -14.46
C THR B 106 0.20 -12.02 -14.80
N GLY B 107 -0.62 -12.31 -13.79
CA GLY B 107 -2.07 -12.30 -14.05
C GLY B 107 -2.78 -11.18 -13.30
N ALA B 108 -2.69 -11.18 -11.95
CA ALA B 108 -3.22 -10.06 -11.20
C ALA B 108 -2.38 -8.81 -11.47
N GLY B 109 -1.17 -8.98 -12.03
CA GLY B 109 -0.22 -7.87 -12.14
C GLY B 109 0.59 -7.61 -10.89
N GLN B 110 0.31 -8.30 -9.76
CA GLN B 110 1.10 -8.08 -8.54
C GLN B 110 2.51 -8.63 -8.72
N HIS B 111 2.64 -9.82 -9.33
CA HIS B 111 3.98 -10.32 -9.55
C HIS B 111 4.72 -9.46 -10.57
N GLY B 112 4.01 -8.99 -11.61
CA GLY B 112 4.59 -8.05 -12.57
C GLY B 112 5.10 -6.77 -11.91
N VAL B 113 4.29 -6.17 -11.06
CA VAL B 113 4.73 -4.95 -10.36
C VAL B 113 5.87 -5.26 -9.41
N ALA B 114 5.80 -6.39 -8.68
CA ALA B 114 6.88 -6.68 -7.75
C ALA B 114 8.19 -6.89 -8.48
N THR B 115 8.13 -7.57 -9.61
CA THR B 115 9.34 -7.86 -10.38
C THR B 115 9.92 -6.59 -11.01
N ALA B 116 9.02 -5.76 -11.56
CA ALA B 116 9.38 -4.45 -12.08
C ALA B 116 10.01 -3.55 -10.99
N THR B 117 9.46 -3.54 -9.75
CA THR B 117 10.10 -2.68 -8.76
C THR B 117 11.46 -3.22 -8.37
N ALA B 118 11.61 -4.57 -8.28
CA ALA B 118 12.95 -5.09 -7.96
C ALA B 118 13.93 -4.83 -9.11
N ALA B 119 13.46 -4.94 -10.33
CA ALA B 119 14.32 -4.62 -11.46
C ALA B 119 14.72 -3.17 -11.46
N ALA B 120 13.79 -2.29 -11.07
CA ALA B 120 14.11 -0.86 -11.03
C ALA B 120 15.15 -0.61 -9.95
N LEU B 121 14.93 -1.16 -8.78
CA LEU B 121 15.89 -1.03 -7.70
C LEU B 121 17.29 -1.51 -8.12
N PHE B 122 17.37 -2.63 -8.83
CA PHE B 122 18.68 -3.17 -9.14
C PHE B 122 19.20 -2.74 -10.49
N GLY B 123 18.53 -1.81 -11.16
CA GLY B 123 18.97 -1.33 -12.47
C GLY B 123 18.97 -2.35 -13.59
N MET B 124 17.97 -3.23 -13.66
CA MET B 124 17.90 -4.21 -14.73
C MET B 124 16.80 -3.87 -15.74
N GLU B 125 16.98 -4.28 -17.00
CA GLU B 125 15.88 -4.18 -17.95
C GLU B 125 14.78 -5.16 -17.54
N CYS B 126 13.54 -4.82 -17.81
CA CYS B 126 12.43 -5.68 -17.35
C CYS B 126 11.34 -5.76 -18.39
N VAL B 127 10.94 -6.98 -18.80
CA VAL B 127 9.85 -7.18 -19.76
C VAL B 127 8.83 -8.12 -19.14
N ILE B 128 7.60 -7.64 -18.97
CA ILE B 128 6.53 -8.38 -18.30
C ILE B 128 5.47 -8.75 -19.36
N TYR B 129 5.06 -10.01 -19.38
CA TYR B 129 4.00 -10.48 -20.27
C TYR B 129 2.72 -10.57 -19.46
N MET B 130 1.61 -10.10 -20.04
CA MET B 130 0.37 -10.22 -19.28
C MET B 130 -0.79 -10.44 -20.25
N GLY B 131 -1.65 -11.38 -19.92
CA GLY B 131 -2.76 -11.66 -20.82
C GLY B 131 -3.63 -10.41 -21.04
N GLU B 132 -4.10 -10.21 -22.27
CA GLU B 132 -4.84 -8.98 -22.61
C GLU B 132 -6.07 -8.82 -21.72
N GLU B 133 -6.75 -9.91 -21.44
CA GLU B 133 -7.90 -9.75 -20.56
C GLU B 133 -7.49 -9.18 -19.20
N ASP B 134 -6.33 -9.61 -18.68
CA ASP B 134 -5.90 -9.15 -17.39
C ASP B 134 -5.39 -7.70 -17.47
N THR B 135 -4.86 -7.28 -18.64
CA THR B 135 -4.50 -5.86 -18.76
C THR B 135 -5.74 -4.95 -18.62
N ILE B 136 -6.93 -5.47 -18.86
CA ILE B 136 -8.16 -4.70 -18.70
C ILE B 136 -8.70 -4.81 -17.30
N ARG B 137 -8.77 -6.02 -16.76
CA ARG B 137 -9.39 -6.07 -15.43
C ARG B 137 -8.41 -5.74 -14.31
N GLN B 138 -7.11 -5.62 -14.60
CA GLN B 138 -6.09 -5.27 -13.61
C GLN B 138 -5.29 -4.06 -14.10
N LYS B 139 -5.99 -3.08 -14.66
CA LYS B 139 -5.38 -1.94 -15.33
C LYS B 139 -4.46 -1.11 -14.40
N LEU B 140 -4.79 -1.03 -13.10
CA LEU B 140 -3.96 -0.24 -12.20
C LEU B 140 -2.53 -0.77 -12.20
N ASN B 141 -2.38 -2.10 -12.33
CA ASN B 141 -1.03 -2.62 -12.21
C ASN B 141 -0.25 -2.43 -13.50
N VAL B 142 -0.95 -2.35 -14.64
CA VAL B 142 -0.27 -2.02 -15.91
C VAL B 142 0.33 -0.63 -15.79
N GLU B 143 -0.46 0.32 -15.27
CA GLU B 143 0.06 1.67 -15.10
C GLU B 143 1.27 1.68 -14.16
N ARG B 144 1.21 0.93 -13.06
CA ARG B 144 2.37 0.91 -12.14
C ARG B 144 3.61 0.40 -12.85
N MET B 145 3.46 -0.68 -13.61
CA MET B 145 4.64 -1.26 -14.26
C MET B 145 5.24 -0.28 -15.26
N LYS B 146 4.40 0.50 -15.94
CA LYS B 146 4.91 1.51 -16.87
C LYS B 146 5.73 2.59 -16.14
N LEU B 147 5.22 3.11 -15.02
CA LEU B 147 6.04 4.09 -14.27
C LEU B 147 7.35 3.48 -13.77
N LEU B 148 7.34 2.20 -13.40
CA LEU B 148 8.55 1.52 -12.92
C LEU B 148 9.60 1.31 -14.01
N GLY B 149 9.29 1.61 -15.25
CA GLY B 149 10.24 1.41 -16.31
C GLY B 149 10.20 0.05 -16.99
N ALA B 150 9.23 -0.80 -16.68
CA ALA B 150 9.15 -2.11 -17.33
C ALA B 150 8.37 -1.99 -18.63
N LYS B 151 8.68 -2.86 -19.60
CA LYS B 151 7.84 -3.00 -20.80
C LYS B 151 6.71 -4.02 -20.49
N VAL B 152 5.44 -3.67 -20.69
CA VAL B 152 4.33 -4.61 -20.48
C VAL B 152 3.87 -5.09 -21.85
N VAL B 153 3.89 -6.40 -22.12
CA VAL B 153 3.54 -6.96 -23.42
C VAL B 153 2.19 -7.67 -23.28
N PRO B 154 1.12 -7.16 -23.88
CA PRO B 154 -0.19 -7.84 -23.75
C PRO B 154 -0.17 -9.11 -24.60
N VAL B 155 -0.72 -10.19 -24.06
CA VAL B 155 -0.66 -11.47 -24.76
C VAL B 155 -2.07 -11.78 -25.24
N LYS B 156 -2.23 -11.91 -26.56
CA LYS B 156 -3.54 -11.98 -27.20
C LYS B 156 -3.99 -13.39 -27.57
N SER B 157 -3.21 -14.42 -27.25
CA SER B 157 -3.49 -15.79 -27.66
C SER B 157 -4.19 -16.61 -26.56
N GLY B 158 -4.66 -17.80 -26.95
CA GLY B 158 -5.25 -18.70 -25.97
C GLY B 158 -6.37 -17.98 -25.23
N SER B 159 -6.44 -18.17 -23.93
CA SER B 159 -7.47 -17.56 -23.11
C SER B 159 -7.10 -16.15 -22.63
N ARG B 160 -5.95 -15.62 -23.08
CA ARG B 160 -5.55 -14.21 -22.82
C ARG B 160 -5.44 -13.91 -21.32
N THR B 161 -5.05 -14.90 -20.53
CA THR B 161 -4.86 -14.71 -19.09
C THR B 161 -3.49 -15.30 -18.73
N LEU B 162 -3.31 -15.68 -17.44
CA LEU B 162 -2.00 -15.96 -16.86
C LEU B 162 -1.29 -17.12 -17.57
N LYS B 163 -1.99 -18.23 -17.82
CA LYS B 163 -1.34 -19.36 -18.48
C LYS B 163 -0.66 -18.91 -19.78
N ASP B 164 -1.39 -18.10 -20.55
CA ASP B 164 -0.85 -17.61 -21.85
C ASP B 164 0.34 -16.70 -21.56
N ALA B 165 0.18 -15.75 -20.64
CA ALA B 165 1.30 -14.84 -20.33
C ALA B 165 2.56 -15.63 -19.99
N ILE B 166 2.44 -16.65 -19.14
CA ILE B 166 3.64 -17.42 -18.78
C ILE B 166 4.20 -18.11 -20.03
N ASP B 167 3.31 -18.66 -20.90
CA ASP B 167 3.81 -19.33 -22.12
C ASP B 167 4.74 -18.37 -22.89
N GLU B 168 4.29 -17.12 -23.04
CA GLU B 168 5.05 -16.10 -23.78
C GLU B 168 6.34 -15.69 -23.04
N ALA B 169 6.27 -15.55 -21.69
CA ALA B 169 7.51 -15.22 -20.95
C ALA B 169 8.54 -16.34 -21.07
N LEU B 170 8.07 -17.61 -21.03
CA LEU B 170 9.01 -18.74 -21.20
C LEU B 170 9.61 -18.71 -22.60
N ARG B 171 8.83 -18.38 -23.62
CA ARG B 171 9.40 -18.26 -24.98
C ARG B 171 10.48 -17.16 -24.97
N ASP B 172 10.19 -16.05 -24.30
CA ASP B 172 11.16 -14.95 -24.27
C ASP B 172 12.45 -15.37 -23.57
N TRP B 173 12.32 -16.03 -22.42
CA TRP B 173 13.50 -16.57 -21.71
C TRP B 173 14.37 -17.44 -22.63
N ILE B 174 13.74 -18.42 -23.28
CA ILE B 174 14.50 -19.34 -24.14
C ILE B 174 15.18 -18.62 -25.28
N THR B 175 14.61 -17.51 -25.75
CA THR B 175 15.23 -16.72 -26.81
C THR B 175 16.40 -15.88 -26.33
N ASN B 176 16.49 -15.65 -25.02
CA ASN B 176 17.35 -14.63 -24.41
C ASN B 176 18.14 -15.20 -23.24
N LEU B 177 18.54 -16.47 -23.34
CA LEU B 177 19.06 -17.18 -22.16
C LEU B 177 20.36 -16.59 -21.64
N GLN B 178 21.14 -15.91 -22.48
CA GLN B 178 22.40 -15.37 -21.96
C GLN B 178 22.16 -14.19 -21.03
N THR B 179 21.26 -13.27 -21.41
CA THR B 179 21.12 -11.99 -20.70
C THR B 179 20.07 -12.03 -19.59
N THR B 180 19.15 -12.97 -19.66
CA THR B 180 17.84 -12.83 -19.04
C THR B 180 17.61 -13.92 -18.03
N TYR B 181 17.07 -13.50 -16.87
CA TYR B 181 16.68 -14.38 -15.78
C TYR B 181 15.15 -14.39 -15.76
N TYR B 182 14.58 -15.58 -15.80
CA TYR B 182 13.13 -15.75 -15.76
C TYR B 182 12.67 -15.82 -14.30
N VAL B 183 11.72 -14.97 -13.90
CA VAL B 183 11.30 -14.91 -12.50
C VAL B 183 9.88 -15.50 -12.43
N PRO B 184 9.69 -16.70 -11.92
CA PRO B 184 8.29 -17.17 -11.75
C PRO B 184 7.66 -16.47 -10.57
N GLY B 185 6.33 -16.27 -10.67
CA GLY B 185 5.61 -15.66 -9.56
C GLY B 185 5.06 -16.63 -8.54
N SER B 186 5.08 -17.93 -8.86
CA SER B 186 4.47 -18.91 -8.00
C SER B 186 5.39 -20.14 -7.87
N VAL B 187 4.91 -21.22 -7.23
CA VAL B 187 5.76 -22.38 -6.92
C VAL B 187 5.50 -23.45 -7.98
N VAL B 188 5.21 -22.99 -9.18
CA VAL B 188 5.05 -23.86 -10.35
C VAL B 188 6.28 -23.62 -11.22
N GLY B 189 6.78 -24.67 -11.81
CA GLY B 189 7.90 -24.52 -12.71
C GLY B 189 8.87 -25.64 -12.51
N PRO B 190 9.91 -25.70 -13.34
CA PRO B 190 10.90 -26.77 -13.19
C PRO B 190 11.78 -26.52 -11.99
N HIS B 191 12.23 -27.59 -11.38
CA HIS B 191 13.21 -27.48 -10.32
C HIS B 191 14.43 -26.70 -10.86
N PRO B 192 15.00 -25.79 -10.10
CA PRO B 192 14.86 -25.52 -8.65
C PRO B 192 13.82 -24.42 -8.32
N TYR B 193 13.03 -23.94 -9.28
CA TYR B 193 12.17 -22.80 -8.99
C TYR B 193 11.15 -23.03 -7.86
N PRO B 194 10.43 -24.15 -7.79
CA PRO B 194 9.47 -24.28 -6.67
C PRO B 194 10.13 -24.18 -5.31
N ILE B 195 11.35 -24.69 -5.15
CA ILE B 195 12.04 -24.60 -3.86
C ILE B 195 12.52 -23.17 -3.60
N ILE B 196 13.11 -22.55 -4.61
CA ILE B 196 13.53 -21.16 -4.48
C ILE B 196 12.37 -20.28 -4.04
N VAL B 197 11.24 -20.37 -4.74
CA VAL B 197 10.10 -19.49 -4.42
C VAL B 197 9.63 -19.75 -3.01
N ARG B 198 9.42 -21.03 -2.68
CA ARG B 198 8.91 -21.39 -1.36
C ARG B 198 9.88 -20.98 -0.28
N ASN B 199 11.17 -21.06 -0.56
CA ASN B 199 12.13 -20.65 0.45
C ASN B 199 12.18 -19.13 0.61
N PHE B 200 11.78 -18.32 -0.40
CA PHE B 200 11.66 -16.87 -0.15
C PHE B 200 10.35 -16.50 0.52
N GLN B 201 9.34 -17.33 0.39
CA GLN B 201 8.03 -17.02 0.98
C GLN B 201 7.86 -17.58 2.37
N LYS B 202 8.70 -18.51 2.76
CA LYS B 202 8.44 -19.12 4.06
C LYS B 202 8.68 -18.17 5.21
N VAL B 203 9.27 -17.00 4.98
CA VAL B 203 9.35 -15.98 6.01
C VAL B 203 7.94 -15.65 6.55
N ILE B 204 6.91 -15.80 5.73
CA ILE B 204 5.56 -15.50 6.18
C ILE B 204 5.19 -16.40 7.36
N GLY B 205 5.31 -17.72 7.16
CA GLY B 205 5.03 -18.66 8.22
C GLY B 205 6.02 -18.57 9.36
N GLU B 206 7.30 -18.28 9.08
CA GLU B 206 8.24 -18.18 10.21
C GLU B 206 7.87 -17.02 11.11
N GLU B 207 7.53 -15.86 10.55
CA GLU B 207 7.03 -14.77 11.36
C GLU B 207 5.75 -15.16 12.09
N THR B 208 4.77 -15.71 11.36
CA THR B 208 3.52 -16.08 12.00
C THR B 208 3.78 -17.01 13.19
N LYS B 209 4.69 -17.97 13.02
CA LYS B 209 4.94 -18.93 14.10
C LYS B 209 5.50 -18.24 15.35
N LYS B 210 6.28 -17.17 15.18
CA LYS B 210 6.70 -16.40 16.35
C LYS B 210 5.63 -15.42 16.85
N GLN B 211 4.74 -14.91 15.99
CA GLN B 211 3.79 -13.90 16.47
C GLN B 211 2.58 -14.50 17.19
N ILE B 212 2.11 -15.67 16.79
CA ILE B 212 0.84 -16.14 17.35
C ILE B 212 0.99 -16.55 18.83
N PRO B 213 2.13 -17.07 19.33
CA PRO B 213 2.24 -17.24 20.80
C PRO B 213 2.16 -15.93 21.57
N GLU B 214 2.67 -14.83 21.03
CA GLU B 214 2.50 -13.54 21.72
C GLU B 214 1.04 -13.15 21.85
N LYS B 215 0.15 -13.66 20.99
CA LYS B 215 -1.26 -13.23 21.03
C LYS B 215 -2.19 -14.25 21.70
N GLU B 216 -1.80 -15.53 21.75
CA GLU B 216 -2.69 -16.63 22.18
C GLU B 216 -2.00 -17.68 23.05
N GLY B 217 -0.68 -17.65 23.20
CA GLY B 217 0.00 -18.65 24.04
C GLY B 217 -0.03 -20.07 23.50
N ARG B 218 -0.26 -20.23 22.21
CA ARG B 218 -0.41 -21.54 21.58
C ARG B 218 -0.51 -21.35 20.07
N LEU B 219 -0.28 -22.45 19.35
CA LEU B 219 -0.51 -22.53 17.93
C LEU B 219 -1.99 -22.36 17.59
N PRO B 220 -2.30 -21.83 16.42
CA PRO B 220 -3.71 -21.71 16.03
C PRO B 220 -4.31 -23.09 15.79
N ASP B 221 -5.63 -23.12 15.74
CA ASP B 221 -6.33 -24.32 15.31
C ASP B 221 -6.34 -24.45 13.80
N TYR B 222 -6.35 -23.32 13.07
CA TYR B 222 -6.51 -23.30 11.61
C TYR B 222 -5.60 -22.22 11.05
N ILE B 223 -4.95 -22.49 9.91
CA ILE B 223 -4.39 -21.46 9.05
C ILE B 223 -4.98 -21.64 7.67
N VAL B 224 -5.53 -20.55 7.09
CA VAL B 224 -6.23 -20.63 5.81
C VAL B 224 -5.55 -19.68 4.81
N ALA B 225 -5.28 -20.16 3.61
CA ALA B 225 -4.69 -19.30 2.57
C ALA B 225 -5.26 -19.67 1.21
N CYS B 226 -5.37 -18.69 0.28
CA CYS B 226 -5.84 -19.06 -1.04
C CYS B 226 -4.70 -19.70 -1.82
N VAL B 227 -5.07 -20.49 -2.84
CA VAL B 227 -4.09 -21.33 -3.56
C VAL B 227 -4.45 -21.25 -5.03
N SER B 228 -3.52 -20.77 -5.87
CA SER B 228 -3.63 -21.16 -7.28
C SER B 228 -2.32 -21.86 -7.68
N GLY B 229 -1.29 -21.11 -8.03
CA GLY B 229 0.06 -21.69 -8.04
C GLY B 229 0.47 -22.24 -6.68
N GLY B 230 0.31 -21.42 -5.63
CA GLY B 230 0.47 -21.87 -4.26
C GLY B 230 1.57 -21.18 -3.48
N SER B 231 2.09 -20.04 -3.96
CA SER B 231 3.26 -19.51 -3.26
C SER B 231 2.86 -18.89 -1.91
N ASN B 232 1.76 -18.14 -1.82
CA ASN B 232 1.53 -17.49 -0.51
C ASN B 232 1.14 -18.54 0.53
N ALA B 233 0.39 -19.56 0.10
CA ALA B 233 0.02 -20.66 0.99
C ALA B 233 1.21 -21.48 1.39
N ALA B 234 2.10 -21.79 0.43
CA ALA B 234 3.31 -22.52 0.81
C ALA B 234 4.13 -21.70 1.80
N GLY B 235 4.15 -20.39 1.62
CA GLY B 235 4.97 -19.57 2.50
C GLY B 235 4.44 -19.62 3.91
N ILE B 236 3.12 -19.61 4.05
CA ILE B 236 2.66 -19.56 5.43
C ILE B 236 2.53 -20.99 6.01
N PHE B 237 2.38 -22.02 5.16
CA PHE B 237 2.17 -23.39 5.67
C PHE B 237 3.46 -24.10 6.00
N TYR B 238 4.49 -23.86 5.21
CA TYR B 238 5.66 -24.72 5.29
C TYR B 238 6.24 -24.85 6.70
N PRO B 239 6.39 -23.78 7.51
CA PRO B 239 6.91 -23.98 8.89
C PRO B 239 5.93 -24.67 9.82
N PHE B 240 4.68 -24.89 9.41
CA PHE B 240 3.70 -25.56 10.25
C PHE B 240 3.40 -26.98 9.81
N ILE B 241 4.06 -27.49 8.75
CA ILE B 241 3.81 -28.86 8.30
C ILE B 241 4.06 -29.81 9.48
N ASP B 242 3.13 -30.74 9.72
CA ASP B 242 3.23 -31.76 10.77
C ASP B 242 3.21 -31.17 12.17
N SER B 243 2.74 -29.95 12.33
CA SER B 243 2.63 -29.33 13.65
C SER B 243 1.31 -29.65 14.34
N GLY B 244 0.34 -30.23 13.64
CA GLY B 244 -1.00 -30.42 14.18
C GLY B 244 -1.97 -29.28 13.98
N VAL B 245 -1.50 -28.11 13.51
CA VAL B 245 -2.44 -27.10 13.05
C VAL B 245 -3.16 -27.66 11.82
N LYS B 246 -4.45 -27.35 11.68
CA LYS B 246 -5.16 -27.67 10.45
C LYS B 246 -4.86 -26.60 9.40
N LEU B 247 -4.18 -27.01 8.34
CA LEU B 247 -3.82 -26.11 7.25
C LEU B 247 -4.82 -26.29 6.11
N ILE B 248 -5.44 -25.21 5.66
CA ILE B 248 -6.48 -25.30 4.61
C ILE B 248 -6.14 -24.38 3.45
N GLY B 249 -5.85 -24.96 2.28
CA GLY B 249 -5.64 -24.17 1.07
C GLY B 249 -6.97 -24.05 0.34
N VAL B 250 -7.31 -22.85 -0.13
CA VAL B 250 -8.60 -22.59 -0.79
C VAL B 250 -8.37 -22.20 -2.25
N GLU B 251 -8.80 -23.06 -3.17
CA GLU B 251 -8.74 -22.90 -4.61
C GLU B 251 -9.92 -22.10 -5.11
N ALA B 252 -9.78 -21.58 -6.32
CA ALA B 252 -10.84 -20.85 -6.97
C ALA B 252 -11.88 -21.80 -7.53
N GLY B 253 -13.11 -21.70 -7.02
CA GLY B 253 -14.19 -22.52 -7.53
C GLY B 253 -14.95 -21.90 -8.66
N GLY B 254 -14.68 -20.63 -8.99
CA GLY B 254 -15.26 -20.00 -10.18
C GLY B 254 -16.77 -19.98 -10.12
N GLU B 255 -17.41 -20.49 -11.17
CA GLU B 255 -18.87 -20.64 -11.17
C GLU B 255 -19.35 -21.88 -10.43
N GLY B 256 -18.47 -22.76 -9.99
CA GLY B 256 -18.91 -23.96 -9.28
C GLY B 256 -18.06 -25.13 -9.68
N LEU B 257 -17.64 -25.94 -8.70
CA LEU B 257 -16.78 -27.08 -9.04
C LEU B 257 -17.38 -27.99 -10.12
N GLU B 258 -18.71 -27.95 -10.33
CA GLU B 258 -19.39 -28.81 -11.32
C GLU B 258 -19.72 -28.11 -12.63
N THR B 259 -19.30 -26.87 -12.80
CA THR B 259 -19.61 -26.09 -14.01
C THR B 259 -18.54 -26.22 -15.09
N GLY B 260 -17.38 -26.78 -14.76
CA GLY B 260 -16.25 -26.64 -15.66
C GLY B 260 -15.66 -25.23 -15.79
N LYS B 261 -16.06 -24.26 -14.97
CA LYS B 261 -15.51 -22.90 -15.08
C LYS B 261 -14.94 -22.54 -13.72
N HIS B 262 -13.71 -22.96 -13.48
CA HIS B 262 -13.04 -22.72 -12.19
C HIS B 262 -11.54 -22.82 -12.45
N ALA B 263 -10.74 -22.80 -11.37
CA ALA B 263 -9.30 -23.03 -11.47
C ALA B 263 -8.85 -23.99 -10.42
N ALA B 264 -9.68 -25.01 -10.12
CA ALA B 264 -9.44 -25.86 -8.96
C ALA B 264 -8.63 -27.09 -9.37
N SER B 265 -7.35 -26.84 -9.65
CA SER B 265 -6.43 -27.89 -10.13
C SER B 265 -6.35 -29.08 -9.20
N LEU B 266 -6.20 -28.85 -7.87
CA LEU B 266 -5.99 -29.97 -6.96
C LEU B 266 -7.25 -30.81 -6.84
N LEU B 267 -8.41 -30.15 -6.85
CA LEU B 267 -9.70 -30.85 -6.72
C LEU B 267 -10.18 -31.48 -8.02
N LYS B 268 -9.87 -30.89 -9.18
CA LYS B 268 -10.52 -31.30 -10.42
C LYS B 268 -9.57 -31.54 -11.57
N GLY B 269 -8.26 -31.29 -11.38
CA GLY B 269 -7.26 -31.57 -12.40
C GLY B 269 -6.87 -33.06 -12.46
N LYS B 270 -6.00 -33.37 -13.40
CA LYS B 270 -5.44 -34.69 -13.53
C LYS B 270 -3.95 -34.51 -13.65
N ILE B 271 -3.21 -35.61 -13.40
CA ILE B 271 -1.75 -35.51 -13.44
C ILE B 271 -1.31 -35.12 -14.83
N GLY B 272 -0.37 -34.18 -14.91
CA GLY B 272 0.06 -33.69 -16.21
C GLY B 272 1.33 -32.90 -16.02
N TYR B 273 1.80 -32.30 -17.12
CA TYR B 273 3.00 -31.48 -17.11
C TYR B 273 2.55 -30.07 -17.47
N LEU B 274 2.95 -29.08 -16.69
CA LEU B 274 2.63 -27.70 -17.05
C LEU B 274 3.80 -26.83 -16.63
N HIS B 275 4.39 -26.12 -17.59
CA HIS B 275 5.39 -25.10 -17.30
C HIS B 275 6.57 -25.68 -16.54
N GLY B 276 6.89 -26.95 -16.80
CA GLY B 276 8.08 -27.56 -16.21
C GLY B 276 7.81 -28.53 -15.07
N SER B 277 6.63 -28.51 -14.45
CA SER B 277 6.43 -29.41 -13.33
CA SER B 277 6.38 -29.37 -13.30
C SER B 277 5.41 -30.50 -13.66
N LYS B 278 5.62 -31.65 -13.08
CA LYS B 278 4.60 -32.70 -13.08
C LYS B 278 3.73 -32.48 -11.85
N THR B 279 2.45 -32.25 -12.09
CA THR B 279 1.56 -31.77 -11.06
C THR B 279 0.13 -31.96 -11.54
N PHE B 280 -0.83 -31.43 -10.78
CA PHE B 280 -2.23 -31.49 -11.16
C PHE B 280 -2.59 -30.33 -12.08
N VAL B 281 -3.24 -30.63 -13.20
CA VAL B 281 -3.49 -29.67 -14.29
C VAL B 281 -4.89 -29.92 -14.81
N LEU B 282 -5.65 -28.85 -15.04
CA LEU B 282 -6.97 -29.01 -15.65
C LEU B 282 -6.77 -29.44 -17.10
N GLN B 283 -7.30 -30.61 -17.41
CA GLN B 283 -7.16 -31.07 -18.78
C GLN B 283 -8.35 -31.95 -19.14
N ASP B 284 -8.59 -32.08 -20.43
CA ASP B 284 -9.59 -33.03 -20.90
C ASP B 284 -9.01 -34.45 -20.86
N ASP B 285 -9.83 -35.42 -21.28
CA ASP B 285 -9.42 -36.81 -21.20
C ASP B 285 -8.47 -37.24 -22.32
N TRP B 286 -8.17 -36.34 -23.24
CA TRP B 286 -7.12 -36.54 -24.23
C TRP B 286 -5.80 -35.88 -23.84
N GLY B 287 -5.69 -35.36 -22.61
CA GLY B 287 -4.44 -34.77 -22.16
C GLY B 287 -4.24 -33.33 -22.56
N GLN B 288 -5.26 -32.66 -23.08
CA GLN B 288 -5.14 -31.27 -23.54
C GLN B 288 -5.45 -30.31 -22.39
N VAL B 289 -4.50 -29.45 -22.02
CA VAL B 289 -4.78 -28.49 -20.94
C VAL B 289 -5.99 -27.62 -21.31
N GLN B 290 -6.85 -27.36 -20.32
CA GLN B 290 -8.04 -26.53 -20.52
C GLN B 290 -7.83 -25.13 -19.95
N ALA B 291 -8.63 -24.19 -20.45
CA ALA B 291 -8.64 -22.84 -19.90
C ALA B 291 -9.27 -22.80 -18.50
N SER B 292 -8.63 -22.11 -17.58
CA SER B 292 -9.19 -21.91 -16.25
C SER B 292 -10.15 -20.71 -16.28
N HIS B 293 -10.90 -20.51 -15.18
N HIS B 293 -10.95 -20.57 -15.22
CA HIS B 293 -11.79 -19.36 -15.09
CA HIS B 293 -11.74 -19.36 -15.05
C HIS B 293 -11.95 -18.95 -13.64
C HIS B 293 -11.73 -18.98 -13.58
N SER B 294 -11.68 -17.68 -13.31
CA SER B 294 -11.92 -17.19 -11.95
C SER B 294 -12.27 -15.71 -12.05
N VAL B 295 -13.11 -15.22 -11.13
CA VAL B 295 -13.30 -13.76 -11.06
C VAL B 295 -11.98 -13.11 -10.66
N SER B 296 -11.10 -13.86 -9.99
CA SER B 296 -9.80 -13.34 -9.55
C SER B 296 -8.75 -13.60 -10.62
N ALA B 297 -8.12 -12.54 -11.15
CA ALA B 297 -7.07 -12.76 -12.15
C ALA B 297 -5.87 -13.55 -11.61
N GLY B 298 -5.49 -13.37 -10.34
CA GLY B 298 -4.34 -14.10 -9.78
C GLY B 298 -4.59 -15.56 -9.49
N LEU B 299 -5.84 -15.95 -9.42
CA LEU B 299 -6.15 -17.37 -9.23
C LEU B 299 -6.50 -18.07 -10.53
N ASP B 300 -6.58 -17.32 -11.62
CA ASP B 300 -7.05 -17.84 -12.91
C ASP B 300 -5.93 -18.55 -13.69
N TYR B 301 -5.59 -19.78 -13.25
CA TYR B 301 -4.45 -20.53 -13.78
C TYR B 301 -4.74 -22.04 -13.70
N PRO B 302 -4.41 -22.85 -14.71
CA PRO B 302 -4.89 -24.25 -14.69
C PRO B 302 -4.03 -25.26 -13.93
N GLY B 303 -2.87 -24.89 -13.41
CA GLY B 303 -2.02 -25.78 -12.65
C GLY B 303 -1.94 -25.39 -11.18
N VAL B 304 -1.14 -26.17 -10.44
CA VAL B 304 -0.86 -25.89 -9.04
C VAL B 304 0.54 -26.39 -8.78
N GLY B 305 1.21 -25.81 -7.77
CA GLY B 305 2.56 -26.17 -7.41
C GLY B 305 2.66 -27.64 -7.05
N PRO B 306 3.77 -28.30 -7.41
CA PRO B 306 3.95 -29.72 -7.07
C PRO B 306 4.09 -29.98 -5.55
N GLU B 307 4.63 -29.03 -4.76
CA GLU B 307 4.63 -29.27 -3.32
C GLU B 307 3.22 -29.36 -2.77
N HIS B 308 2.26 -28.66 -3.38
CA HIS B 308 0.89 -28.74 -2.89
C HIS B 308 0.26 -30.06 -3.30
N ALA B 309 0.55 -30.52 -4.52
CA ALA B 309 0.05 -31.87 -4.92
C ALA B 309 0.54 -32.91 -3.94
N TYR B 310 1.81 -32.80 -3.54
CA TYR B 310 2.41 -33.73 -2.56
C TYR B 310 1.80 -33.59 -1.16
N TRP B 311 1.59 -32.33 -0.68
CA TRP B 311 0.94 -32.15 0.63
C TRP B 311 -0.47 -32.66 0.60
N ARG B 312 -1.15 -32.49 -0.53
CA ARG B 312 -2.50 -33.00 -0.56
C ARG B 312 -2.50 -34.52 -0.52
N GLU B 313 -1.60 -35.13 -1.27
CA GLU B 313 -1.65 -36.60 -1.37
C GLU B 313 -1.25 -37.23 -0.04
N THR B 314 -0.30 -36.63 0.69
CA THR B 314 0.10 -37.13 1.98
C THR B 314 -0.78 -36.64 3.13
N GLY B 315 -1.83 -35.85 2.86
CA GLY B 315 -2.73 -35.34 3.92
C GLY B 315 -2.16 -34.26 4.84
N LYS B 316 -1.02 -33.67 4.53
CA LYS B 316 -0.42 -32.67 5.43
C LYS B 316 -1.13 -31.32 5.35
N VAL B 317 -1.88 -31.08 4.27
CA VAL B 317 -2.68 -29.87 4.08
C VAL B 317 -4.00 -30.32 3.49
N LEU B 318 -5.06 -29.66 3.88
CA LEU B 318 -6.39 -29.92 3.37
C LEU B 318 -6.74 -28.89 2.33
N TYR B 319 -7.46 -29.31 1.30
CA TYR B 319 -7.78 -28.34 0.25
C TYR B 319 -9.26 -28.33 -0.05
N ASP B 320 -9.79 -27.15 -0.37
CA ASP B 320 -11.20 -26.98 -0.78
C ASP B 320 -11.24 -25.78 -1.74
N ALA B 321 -12.47 -25.34 -2.14
CA ALA B 321 -12.68 -24.24 -3.07
C ALA B 321 -13.87 -23.39 -2.62
N VAL B 322 -13.90 -22.11 -3.01
CA VAL B 322 -15.07 -21.26 -2.87
C VAL B 322 -15.33 -20.64 -4.22
N THR B 323 -16.56 -20.20 -4.42
CA THR B 323 -17.00 -19.70 -5.71
C THR B 323 -16.66 -18.21 -5.83
N ASP B 324 -16.77 -17.70 -7.07
CA ASP B 324 -16.66 -16.27 -7.36
C ASP B 324 -17.57 -15.45 -6.46
N GLU B 325 -18.83 -15.87 -6.33
CA GLU B 325 -19.76 -15.01 -5.59
C GLU B 325 -19.41 -14.99 -4.11
N GLU B 326 -18.95 -16.11 -3.57
CA GLU B 326 -18.54 -16.14 -2.19
C GLU B 326 -17.30 -15.27 -2.00
N ALA B 327 -16.37 -15.26 -2.98
CA ALA B 327 -15.21 -14.38 -2.82
C ALA B 327 -15.61 -12.91 -2.87
N LEU B 328 -16.49 -12.53 -3.81
CA LEU B 328 -16.98 -11.16 -3.84
C LEU B 328 -17.63 -10.75 -2.53
N ASP B 329 -18.43 -11.64 -1.93
CA ASP B 329 -19.05 -11.32 -0.65
C ASP B 329 -18.01 -11.04 0.42
N ALA B 330 -16.95 -11.85 0.48
CA ALA B 330 -15.93 -11.68 1.50
C ALA B 330 -15.12 -10.39 1.25
N PHE B 331 -14.85 -10.07 -0.03
CA PHE B 331 -14.25 -8.77 -0.42
C PHE B 331 -15.04 -7.60 0.17
N ILE B 332 -16.36 -7.57 -0.06
CA ILE B 332 -17.19 -6.48 0.45
C ILE B 332 -17.24 -6.50 1.96
N GLU B 333 -17.35 -7.70 2.55
CA GLU B 333 -17.42 -7.84 4.00
C GLU B 333 -16.21 -7.25 4.71
N LEU B 334 -14.99 -7.65 4.31
CA LEU B 334 -13.83 -7.16 5.05
C LEU B 334 -13.72 -5.65 4.91
N SER B 335 -14.09 -5.13 3.75
CA SER B 335 -14.03 -3.69 3.48
C SER B 335 -14.95 -2.93 4.44
N ARG B 336 -16.17 -3.42 4.60
CA ARG B 336 -17.17 -2.77 5.47
C ARG B 336 -16.88 -2.97 6.93
N LEU B 337 -16.48 -4.17 7.31
CA LEU B 337 -16.39 -4.52 8.72
C LEU B 337 -15.05 -4.19 9.33
N GLU B 338 -13.96 -4.35 8.58
CA GLU B 338 -12.64 -4.06 9.14
C GLU B 338 -11.96 -2.84 8.51
N GLY B 339 -12.55 -2.25 7.49
CA GLY B 339 -11.90 -1.16 6.79
C GLY B 339 -10.65 -1.61 6.04
N ILE B 340 -10.58 -2.88 5.65
CA ILE B 340 -9.43 -3.41 4.90
C ILE B 340 -9.98 -3.94 3.60
N ILE B 341 -9.49 -3.41 2.47
CA ILE B 341 -9.98 -3.86 1.18
C ILE B 341 -9.01 -4.93 0.69
N PRO B 342 -9.40 -6.20 0.68
CA PRO B 342 -8.43 -7.26 0.41
C PRO B 342 -8.36 -7.57 -1.07
N ALA B 343 -7.23 -8.19 -1.49
CA ALA B 343 -7.23 -8.69 -2.88
C ALA B 343 -8.36 -9.72 -3.07
N LEU B 344 -8.93 -9.75 -4.27
CA LEU B 344 -9.89 -10.80 -4.62
C LEU B 344 -9.31 -12.21 -4.52
N GLU B 345 -8.02 -12.38 -4.74
CA GLU B 345 -7.42 -13.68 -4.44
C GLU B 345 -7.62 -14.05 -2.97
N SER B 346 -7.13 -13.20 -2.06
CA SER B 346 -7.23 -13.42 -0.61
C SER B 346 -8.67 -13.60 -0.15
N SER B 347 -9.59 -12.92 -0.81
CA SER B 347 -11.00 -13.04 -0.44
C SER B 347 -11.48 -14.48 -0.49
N HIS B 348 -10.82 -15.33 -1.27
CA HIS B 348 -11.24 -16.73 -1.28
C HIS B 348 -10.96 -17.36 0.07
N ALA B 349 -9.79 -17.04 0.67
CA ALA B 349 -9.49 -17.57 1.99
C ALA B 349 -10.47 -17.01 3.03
N LEU B 350 -10.72 -15.70 3.00
CA LEU B 350 -11.68 -15.06 3.92
C LEU B 350 -13.08 -15.66 3.78
N ALA B 351 -13.53 -15.89 2.55
CA ALA B 351 -14.84 -16.51 2.34
C ALA B 351 -14.90 -17.91 2.97
N TYR B 352 -13.77 -18.58 3.10
CA TYR B 352 -13.84 -19.92 3.69
C TYR B 352 -14.16 -19.91 5.19
N LEU B 353 -14.04 -18.77 5.89
CA LEU B 353 -14.44 -18.73 7.29
C LEU B 353 -15.92 -19.09 7.49
N LYS B 354 -16.75 -18.93 6.46
CA LYS B 354 -18.16 -19.35 6.54
C LYS B 354 -18.33 -20.85 6.39
N LYS B 355 -17.29 -21.60 6.00
CA LYS B 355 -17.44 -22.97 5.59
C LYS B 355 -17.00 -23.96 6.64
N ILE B 356 -16.40 -23.50 7.72
CA ILE B 356 -15.99 -24.43 8.76
C ILE B 356 -16.59 -23.93 10.08
N ASN B 357 -16.60 -24.82 11.06
CA ASN B 357 -17.03 -24.48 12.41
C ASN B 357 -15.84 -23.97 13.20
N ILE B 358 -15.82 -22.66 13.44
CA ILE B 358 -14.67 -22.03 14.11
C ILE B 358 -15.03 -21.41 15.45
N LYS B 359 -16.27 -21.60 15.91
CA LYS B 359 -16.65 -21.16 17.26
C LYS B 359 -15.62 -21.59 18.28
N GLY B 360 -15.05 -20.62 18.99
CA GLY B 360 -14.06 -20.95 19.99
C GLY B 360 -12.70 -21.31 19.44
N LYS B 361 -12.48 -21.13 18.14
CA LYS B 361 -11.25 -21.53 17.51
C LYS B 361 -10.39 -20.31 17.18
N VAL B 362 -9.08 -20.50 17.23
CA VAL B 362 -8.09 -19.52 16.79
C VAL B 362 -7.77 -19.83 15.32
N VAL B 363 -8.01 -18.84 14.45
CA VAL B 363 -7.87 -18.97 12.99
C VAL B 363 -6.93 -17.85 12.50
N VAL B 364 -5.84 -18.20 11.77
CA VAL B 364 -5.05 -17.19 11.05
C VAL B 364 -5.40 -17.29 9.57
N VAL B 365 -5.71 -16.15 8.93
CA VAL B 365 -5.92 -16.09 7.49
C VAL B 365 -4.77 -15.29 6.88
N ASN B 366 -4.16 -15.84 5.84
CA ASN B 366 -3.10 -15.12 5.13
C ASN B 366 -3.77 -14.04 4.28
N LEU B 367 -3.56 -12.78 4.64
CA LEU B 367 -4.19 -11.73 3.82
C LEU B 367 -3.13 -11.36 2.76
N SER B 368 -3.19 -12.05 1.59
CA SER B 368 -2.02 -12.09 0.72
C SER B 368 -1.81 -10.78 -0.03
N GLY B 369 -2.85 -9.97 -0.23
CA GLY B 369 -2.61 -8.69 -0.89
C GLY B 369 -3.76 -7.73 -0.69
N ARG B 370 -3.53 -6.50 -1.11
CA ARG B 370 -4.63 -5.53 -1.05
C ARG B 370 -5.41 -5.49 -2.36
N GLY B 371 -6.64 -4.95 -2.28
CA GLY B 371 -7.56 -5.09 -3.41
C GLY B 371 -7.82 -3.85 -4.24
N ASP B 372 -6.96 -2.84 -4.12
CA ASP B 372 -7.19 -1.63 -4.91
C ASP B 372 -7.18 -1.93 -6.42
N LYS B 373 -6.36 -2.89 -6.86
CA LYS B 373 -6.36 -3.31 -8.27
C LYS B 373 -7.72 -3.86 -8.71
N ASP B 374 -8.53 -4.34 -7.77
CA ASP B 374 -9.79 -5.01 -8.11
C ASP B 374 -11.00 -4.11 -8.07
N LEU B 375 -10.88 -2.92 -7.47
CA LEU B 375 -12.08 -2.06 -7.24
C LEU B 375 -12.95 -1.93 -8.49
N GLU B 376 -12.38 -1.48 -9.61
CA GLU B 376 -13.20 -1.19 -10.77
C GLU B 376 -13.93 -2.43 -11.26
N SER B 377 -13.22 -3.58 -11.29
CA SER B 377 -13.86 -4.85 -11.65
C SER B 377 -14.99 -5.20 -10.69
N VAL B 378 -14.74 -5.07 -9.40
CA VAL B 378 -15.75 -5.48 -8.41
C VAL B 378 -16.98 -4.56 -8.50
N LEU B 379 -16.77 -3.23 -8.53
CA LEU B 379 -17.90 -2.28 -8.58
C LEU B 379 -18.78 -2.50 -9.80
N ASN B 380 -18.20 -2.96 -10.91
CA ASN B 380 -18.99 -3.22 -12.14
C ASN B 380 -19.42 -4.66 -12.34
N HIS B 381 -19.10 -5.57 -11.41
CA HIS B 381 -19.49 -6.97 -11.58
C HIS B 381 -21.01 -7.09 -11.49
N PRO B 382 -21.67 -7.83 -12.39
CA PRO B 382 -23.15 -7.92 -12.33
C PRO B 382 -23.70 -8.38 -10.98
N TYR B 383 -22.99 -9.24 -10.25
CA TYR B 383 -23.52 -9.72 -8.98
C TYR B 383 -23.39 -8.64 -7.92
N VAL B 384 -22.34 -7.83 -7.97
CA VAL B 384 -22.26 -6.70 -7.07
C VAL B 384 -23.28 -5.64 -7.45
N ARG B 385 -23.45 -5.40 -8.76
CA ARG B 385 -24.50 -4.47 -9.21
C ARG B 385 -25.89 -4.91 -8.72
N GLU B 386 -26.23 -6.21 -8.84
CA GLU B 386 -27.51 -6.68 -8.32
C GLU B 386 -27.59 -6.60 -6.79
N ARG B 387 -26.45 -6.52 -6.08
CA ARG B 387 -26.45 -6.15 -4.65
C ARG B 387 -26.39 -4.64 -4.49
O 0JO C . -7.42 15.23 1.80
C 0JO C . -6.23 14.73 1.57
OXT 0JO C . -6.00 13.52 1.44
CA 0JO C . -5.13 15.77 1.54
CB 0JO C . -5.24 17.11 1.76
N 0JO C . -3.78 15.12 1.36
C4A 0JO C . -2.71 15.80 1.72
C4 0JO C . -1.38 15.09 1.60
C3 0JO C . -1.29 13.70 1.19
O3 0JO C . -2.38 13.05 0.79
C2 0JO C . -0.01 13.13 1.12
C2A 0JO C . 0.10 11.66 0.63
N1 0JO C . 1.12 13.79 1.50
C6 0JO C . 1.05 15.09 1.91
C5 0JO C . -0.18 15.76 1.99
C5A 0JO C . -0.20 17.27 2.44
OP4 0JO C . -1.04 17.36 3.63
P 0JO C . -0.16 17.93 4.90
OP3 0JO C . -1.32 18.11 5.83
OP1 0JO C . 0.81 16.83 5.20
OP2 0JO C . 0.50 19.27 4.39
C1 EDO D . 4.87 -3.32 10.28
O1 EDO D . 4.12 -3.03 9.08
C2 EDO D . 5.86 -2.15 10.47
O2 EDO D . 6.63 -2.16 11.69
C1 EDO E . -7.43 23.55 -9.77
O1 EDO E . -8.21 23.76 -10.96
C2 EDO E . -6.01 23.33 -10.24
O2 EDO E . -5.16 23.03 -9.11
C1 EDO F . 10.07 14.88 21.89
O1 EDO F . 10.82 13.74 21.38
C2 EDO F . 9.08 15.50 20.88
O2 EDO F . 7.90 14.67 20.60
C1 EDO G . 7.42 17.18 23.29
O1 EDO G . 7.05 18.37 23.97
C2 EDO G . 6.13 16.48 22.89
O2 EDO G . 6.34 15.14 22.44
K K H . -1.10 25.98 1.14
O 0JO I . 0.27 -11.20 -9.69
C 0JO I . 0.23 -12.27 -10.26
OXT 0JO I . 0.79 -12.50 -11.39
CA 0JO I . -0.52 -13.47 -9.70
CB 0JO I . -0.64 -14.68 -10.28
N 0JO I . -1.03 -13.21 -8.35
C4A 0JO I . -1.38 -14.19 -7.63
C4 0JO I . -1.83 -13.88 -6.26
C3 0JO I . -1.84 -12.53 -5.74
O3 0JO I . -1.53 -11.52 -6.53
C2 0JO I . -2.30 -12.33 -4.45
C2A 0JO I . -2.34 -10.87 -3.96
N1 0JO I . -2.66 -13.31 -3.60
C6 0JO I . -2.59 -14.56 -4.05
C5 0JO I . -2.20 -14.92 -5.36
C5A 0JO I . -2.20 -16.45 -5.82
OP4 0JO I . -0.85 -16.73 -6.21
P 0JO I . -0.15 -17.89 -5.23
OP3 0JO I . -1.22 -18.96 -5.25
OP1 0JO I . 1.13 -18.09 -5.96
OP2 0JO I . 0.03 -17.23 -3.84
C1 EDO J . -3.07 -31.90 9.26
O1 EDO J . -3.01 -31.08 10.45
C2 EDO J . -3.89 -31.13 8.21
O2 EDO J . -3.20 -29.90 7.93
C1 EDO K . 6.36 -20.16 -13.69
O1 EDO K . 6.24 -21.36 -14.50
C2 EDO K . 5.20 -19.16 -13.77
O2 EDO K . 4.73 -18.61 -12.50
K K L . -5.02 -23.49 -10.13
#